data_7RXL
#
_entry.id   7RXL
#
_cell.length_a   40.685
_cell.length_b   69.337
_cell.length_c   93.214
_cell.angle_alpha   85.06
_cell.angle_beta   78.14
_cell.angle_gamma   79.18
#
_symmetry.space_group_name_H-M   'P 1'
#
loop_
_entity.id
_entity.type
_entity.pdbx_description
1 polymer 'Fab1488 light chain'
2 polymer 'Fab1488 heavy chain'
3 polymer 'Circumsporozoite protein'
4 water water
#
loop_
_entity_poly.entity_id
_entity_poly.type
_entity_poly.pdbx_seq_one_letter_code
_entity_poly.pdbx_strand_id
1 'polypeptide(L)'
;SYELTQPPSVSVSPGQTASITCSGDKLGDKFACWYQQKPGQSPVLVIYQDTKRPSGIPERFSGSNSGNTATLTISGTQAM
DEADYYCQAWDSSTVVFGGGTKVTVLGQPKAAPSVTLFPPSSEELQANKATLVCLVSDFYPGAVTVAWKADGSPVKVGVE
TTKPSKQSNNKYAASSYLSLTPEQWKSHRSYSCRVTHEGSTVEKTVAPAECS
;
L,D
2 'polypeptide(L)'
;EVHLVESGGGLVKPGGSLRLSCAASGFTFSSYTMNWVRQAPGKGLEWVSSISSSSTYIYYADSVRGRFTISRDNAKNSLY
LQMNSLRAEDSAVYYCARRAGGFDAYYFDYWGQGTLVTVSSASTKGPSVFPLAPSSKSTSGGTAALGCLVKDYFPEPVTV
SWNSGALTSGVHTFPAVLQSSGLYSLSSVVTVPSSSLGTQTYICNVNHKPSNTKVDKKVEPKSC
;
H,C
3 'polypeptide(L)' EPSDKHIKEYLNKIQNSLSTEWSPCSVTCGNGIQVRIKPGSANKPKDELDYANDIEKKICKMEKCS E,F
#
# COMPACT_ATOMS: atom_id res chain seq x y z
N SER A 1 19.11 34.26 33.98
CA SER A 1 19.77 33.31 33.04
C SER A 1 21.09 32.76 33.60
N TYR A 2 21.86 32.08 32.75
CA TYR A 2 22.99 31.26 33.18
C TYR A 2 22.44 29.93 33.71
N GLU A 3 21.29 29.53 33.17
CA GLU A 3 20.49 28.42 33.69
C GLU A 3 19.03 28.75 33.38
N LEU A 4 18.56 28.38 32.18
CA LEU A 4 17.19 28.69 31.74
C LEU A 4 16.34 27.42 31.83
N THR A 5 15.14 27.55 32.39
CA THR A 5 14.29 26.40 32.69
C THR A 5 12.98 26.50 31.95
N GLN A 6 12.74 25.58 31.02
CA GLN A 6 11.49 25.40 30.33
C GLN A 6 10.88 24.05 30.72
N PRO A 7 9.54 23.91 30.60
CA PRO A 7 8.94 22.60 30.87
C PRO A 7 9.30 21.60 29.78
N PRO A 8 9.43 20.33 30.14
CA PRO A 8 9.80 19.34 29.09
C PRO A 8 8.77 19.20 27.97
N SER A 9 7.48 19.37 28.27
CA SER A 9 6.47 19.09 27.26
C SER A 9 5.23 19.91 27.53
N VAL A 10 4.55 20.28 26.44
CA VAL A 10 3.30 21.03 26.47
C VAL A 10 2.35 20.39 25.47
N SER A 11 1.12 20.11 25.90
CA SER A 11 0.13 19.45 25.07
C SER A 11 -1.11 20.32 24.99
N VAL A 12 -1.65 20.48 23.77
CA VAL A 12 -2.90 21.20 23.56
C VAL A 12 -3.62 20.59 22.37
N SER A 13 -4.91 20.92 22.25
CA SER A 13 -5.70 20.54 21.08
C SER A 13 -5.63 21.64 20.02
N PRO A 14 -6.02 21.31 18.79
CA PRO A 14 -5.99 22.32 17.72
C PRO A 14 -6.88 23.50 18.06
N GLY A 15 -6.40 24.70 17.76
CA GLY A 15 -7.17 25.90 17.92
C GLY A 15 -7.01 26.61 19.25
N GLN A 16 -6.59 25.91 20.29
CA GLN A 16 -6.40 26.55 21.58
C GLN A 16 -4.95 26.98 21.77
N THR A 17 -4.73 27.81 22.78
CA THR A 17 -3.49 28.57 22.91
C THR A 17 -2.46 27.79 23.73
N ALA A 18 -1.29 27.58 23.14
CA ALA A 18 -0.20 26.89 23.81
C ALA A 18 0.71 27.93 24.42
N SER A 19 1.14 27.68 25.66
CA SER A 19 1.99 28.59 26.39
C SER A 19 3.22 27.84 26.90
N ILE A 20 4.40 28.36 26.60
CA ILE A 20 5.65 27.80 27.08
C ILE A 20 6.39 28.87 27.84
N THR A 21 6.70 28.59 29.10
CA THR A 21 7.44 29.52 29.94
C THR A 21 8.92 29.16 29.93
N CYS A 22 9.75 30.15 30.26
CA CYS A 22 11.19 29.99 30.34
C CYS A 22 11.69 30.86 31.49
N SER A 23 12.27 30.23 32.50
CA SER A 23 12.54 30.87 33.78
C SER A 23 14.04 31.02 34.00
N GLY A 24 14.45 32.17 34.52
CA GLY A 24 15.85 32.42 34.78
C GLY A 24 16.05 33.59 35.72
N ASP A 25 17.04 33.48 36.61
CA ASP A 25 17.35 34.57 37.54
C ASP A 25 17.65 35.84 36.75
N LYS A 26 16.85 36.87 37.00
CA LYS A 26 17.03 38.17 36.37
C LYS A 26 16.77 38.13 34.86
N LEU A 27 16.00 37.14 34.39
CA LEU A 27 15.73 37.06 32.96
C LEU A 27 14.98 38.28 32.44
N GLY A 28 14.19 38.92 33.30
CA GLY A 28 13.53 40.15 32.89
C GLY A 28 14.48 41.23 32.42
N ASP A 29 15.74 41.19 32.88
CA ASP A 29 16.73 42.15 32.45
C ASP A 29 17.38 41.79 31.12
N LYS A 30 17.10 40.60 30.60
CA LYS A 30 17.71 40.09 29.38
C LYS A 30 16.72 40.15 28.23
N PHE A 31 17.19 39.73 27.04
CA PHE A 31 16.38 39.70 25.83
C PHE A 31 16.20 38.24 25.43
N ALA A 32 15.00 37.69 25.66
CA ALA A 32 14.75 36.30 25.35
C ALA A 32 14.47 36.12 23.87
N CYS A 33 14.92 34.98 23.33
CA CYS A 33 14.68 34.61 21.95
C CYS A 33 14.15 33.18 21.94
N TRP A 34 13.39 32.85 20.89
CA TRP A 34 12.75 31.56 20.78
C TRP A 34 13.03 30.95 19.41
N TYR A 35 13.30 29.64 19.41
CA TYR A 35 13.56 28.87 18.20
C TYR A 35 12.63 27.68 18.10
N GLN A 36 12.11 27.45 16.90
CA GLN A 36 11.34 26.26 16.57
C GLN A 36 12.25 25.31 15.83
N GLN A 37 12.23 24.03 16.22
CA GLN A 37 12.98 22.98 15.54
C GLN A 37 12.06 21.80 15.30
N LYS A 38 11.75 21.55 14.03
CA LYS A 38 11.07 20.33 13.62
C LYS A 38 12.05 19.17 13.50
N PRO A 39 11.57 17.93 13.58
CA PRO A 39 12.48 16.78 13.53
C PRO A 39 13.30 16.73 12.24
N GLY A 40 14.60 16.49 12.41
CA GLY A 40 15.49 16.43 11.25
C GLY A 40 15.78 17.74 10.56
N GLN A 41 15.54 18.88 11.21
CA GLN A 41 15.77 20.16 10.58
C GLN A 41 16.51 21.09 11.54
N SER A 42 17.08 22.17 10.98
N SER A 42 17.08 22.17 10.98
CA SER A 42 17.79 23.16 11.77
CA SER A 42 17.79 23.16 11.77
C SER A 42 16.81 24.04 12.52
C SER A 42 16.80 24.05 12.52
N PRO A 43 17.25 24.66 13.62
CA PRO A 43 16.38 25.60 14.34
C PRO A 43 15.98 26.76 13.46
N VAL A 44 14.80 27.31 13.74
CA VAL A 44 14.27 28.48 13.06
C VAL A 44 13.87 29.50 14.11
N LEU A 45 14.37 30.73 13.98
CA LEU A 45 14.00 31.81 14.88
C LEU A 45 12.54 32.21 14.68
N VAL A 46 11.78 32.22 15.78
CA VAL A 46 10.38 32.62 15.74
C VAL A 46 10.12 33.91 16.51
N ILE A 47 10.86 34.17 17.59
CA ILE A 47 10.75 35.41 18.34
C ILE A 47 12.16 35.81 18.77
N TYR A 48 12.47 37.10 18.66
CA TYR A 48 13.74 37.62 19.14
C TYR A 48 13.47 38.91 19.92
N GLN A 49 14.40 39.24 20.81
CA GLN A 49 14.33 40.47 21.61
C GLN A 49 12.97 40.57 22.29
N ASP A 50 12.61 39.47 22.95
CA ASP A 50 11.39 39.33 23.75
C ASP A 50 10.12 39.19 22.94
N THR A 51 9.86 40.12 22.03
CA THR A 51 8.54 40.25 21.42
C THR A 51 8.53 40.37 19.91
N LYS A 52 9.66 40.54 19.24
CA LYS A 52 9.66 40.81 17.81
C LYS A 52 9.63 39.51 17.00
N ARG A 53 8.90 39.56 15.89
CA ARG A 53 8.67 38.42 15.02
C ARG A 53 9.42 38.60 13.70
N PRO A 54 10.24 37.65 13.28
CA PRO A 54 10.84 37.75 11.93
C PRO A 54 9.77 37.86 10.87
N SER A 55 10.17 38.41 9.72
CA SER A 55 9.20 38.77 8.69
C SER A 55 8.29 37.62 8.30
N GLY A 56 8.84 36.42 8.18
CA GLY A 56 8.08 35.31 7.63
C GLY A 56 7.42 34.37 8.62
N ILE A 57 7.28 34.82 9.85
CA ILE A 57 6.74 33.98 10.93
C ILE A 57 5.29 34.36 11.15
N PRO A 58 4.38 33.39 11.28
CA PRO A 58 2.95 33.73 11.38
C PRO A 58 2.64 34.55 12.62
N GLU A 59 1.58 35.36 12.54
CA GLU A 59 1.21 36.24 13.63
C GLU A 59 0.81 35.51 14.89
N ARG A 60 0.41 34.23 14.79
CA ARG A 60 -0.08 33.52 15.97
C ARG A 60 1.04 33.22 16.97
N PHE A 61 2.29 33.47 16.61
CA PHE A 61 3.41 33.37 17.56
C PHE A 61 3.62 34.74 18.20
N SER A 62 3.72 34.75 19.52
CA SER A 62 3.99 35.97 20.26
C SER A 62 4.92 35.66 21.42
N GLY A 63 5.65 36.67 21.87
CA GLY A 63 6.52 36.51 23.00
C GLY A 63 6.31 37.62 24.01
N SER A 64 6.69 37.32 25.24
CA SER A 64 6.67 38.29 26.33
C SER A 64 7.84 37.99 27.24
N ASN A 65 8.25 39.00 28.02
CA ASN A 65 9.28 38.82 29.04
C ASN A 65 8.96 39.79 30.17
N SER A 66 8.48 39.28 31.30
CA SER A 66 8.16 40.07 32.47
C SER A 66 8.76 39.36 33.68
N GLY A 67 8.91 40.12 34.76
CA GLY A 67 9.53 39.57 35.95
C GLY A 67 10.78 38.80 35.61
N ASN A 68 10.83 37.52 35.96
CA ASN A 68 11.94 36.65 35.60
C ASN A 68 11.46 35.47 34.75
N THR A 69 10.45 35.70 33.92
CA THR A 69 9.86 34.65 33.10
C THR A 69 9.59 35.18 31.70
N ALA A 70 10.09 34.47 30.69
CA ALA A 70 9.74 34.72 29.31
C ALA A 70 8.74 33.66 28.87
N THR A 71 7.81 34.05 28.00
CA THR A 71 6.77 33.14 27.56
C THR A 71 6.59 33.23 26.04
N LEU A 72 6.60 32.07 25.40
CA LEU A 72 6.13 31.92 24.04
C LEU A 72 4.69 31.46 24.06
N THR A 73 3.83 32.14 23.31
CA THR A 73 2.42 31.81 23.22
C THR A 73 2.06 31.60 21.75
N ILE A 74 1.49 30.43 21.44
CA ILE A 74 0.97 30.15 20.11
C ILE A 74 -0.55 30.13 20.20
N SER A 75 -1.17 31.15 19.61
CA SER A 75 -2.62 31.20 19.52
C SER A 75 -3.08 30.32 18.37
N GLY A 76 -4.28 29.76 18.53
CA GLY A 76 -4.81 28.88 17.50
C GLY A 76 -3.80 27.85 17.04
N THR A 77 -3.28 27.08 18.00
CA THR A 77 -2.21 26.14 17.69
C THR A 77 -2.67 25.14 16.62
N GLN A 78 -1.94 25.12 15.51
CA GLN A 78 -2.19 24.19 14.43
C GLN A 78 -1.28 22.97 14.54
N ALA A 79 -1.63 21.91 13.80
CA ALA A 79 -0.80 20.71 13.80
C ALA A 79 0.61 21.00 13.29
N MET A 80 0.74 21.92 12.32
CA MET A 80 2.05 22.26 11.79
C MET A 80 2.95 22.92 12.83
N ASP A 81 2.41 23.35 13.97
CA ASP A 81 3.22 23.96 15.02
C ASP A 81 3.85 22.92 15.93
N GLU A 82 3.52 21.64 15.77
CA GLU A 82 4.21 20.60 16.53
C GLU A 82 5.71 20.66 16.27
N ALA A 83 6.50 20.68 17.34
CA ALA A 83 7.93 20.96 17.22
C ALA A 83 8.52 21.06 18.62
N ASP A 84 9.85 21.07 18.67
CA ASP A 84 10.59 21.43 19.86
C ASP A 84 10.84 22.94 19.83
N TYR A 85 10.69 23.58 20.99
CA TYR A 85 10.87 25.02 21.11
C TYR A 85 11.92 25.30 22.18
N TYR A 86 12.89 26.16 21.84
CA TYR A 86 14.00 26.48 22.73
C TYR A 86 14.00 27.99 23.00
N CYS A 87 14.05 28.34 24.28
CA CYS A 87 14.27 29.73 24.68
C CYS A 87 15.77 29.97 24.80
N GLN A 88 16.17 31.24 24.68
CA GLN A 88 17.59 31.55 24.58
C GLN A 88 17.81 32.98 25.05
N ALA A 89 18.87 33.17 25.82
CA ALA A 89 19.25 34.49 26.30
C ALA A 89 20.77 34.56 26.36
N TRP A 90 21.27 35.78 26.56
CA TRP A 90 22.69 36.05 26.70
C TRP A 90 23.02 36.35 28.16
N ASP A 91 24.14 35.81 28.62
CA ASP A 91 24.64 36.11 29.96
C ASP A 91 26.16 36.09 29.91
N SER A 92 26.80 37.23 30.18
CA SER A 92 28.26 37.26 30.32
C SER A 92 28.98 36.85 29.03
N SER A 93 28.36 37.11 27.88
CA SER A 93 28.81 36.61 26.58
C SER A 93 28.46 35.14 26.35
N THR A 94 28.27 34.39 27.44
N THR A 94 28.28 34.39 27.44
CA THR A 94 27.86 33.00 27.30
CA THR A 94 27.83 33.01 27.33
C THR A 94 26.41 32.93 26.82
C THR A 94 26.40 32.98 26.80
N VAL A 95 26.18 32.18 25.77
CA VAL A 95 24.83 32.01 25.20
C VAL A 95 24.21 30.83 25.91
N VAL A 96 23.06 31.04 26.51
CA VAL A 96 22.36 30.01 27.27
C VAL A 96 21.09 29.65 26.51
N PHE A 97 20.89 28.36 26.28
CA PHE A 97 19.64 27.82 25.76
C PHE A 97 18.87 27.14 26.89
N GLY A 98 17.56 27.30 26.89
CA GLY A 98 16.72 26.46 27.71
C GLY A 98 16.86 25.01 27.30
N GLY A 99 16.25 24.13 28.10
CA GLY A 99 16.33 22.71 27.81
C GLY A 99 15.47 22.24 26.65
N GLY A 100 14.56 23.07 26.15
CA GLY A 100 13.69 22.67 25.08
C GLY A 100 12.34 22.18 25.57
N THR A 101 11.29 22.48 24.80
CA THR A 101 9.93 22.09 25.14
C THR A 101 9.28 21.50 23.89
N LYS A 102 8.87 20.23 23.98
CA LYS A 102 8.15 19.59 22.89
C LYS A 102 6.67 19.93 23.00
N VAL A 103 6.10 20.53 21.96
CA VAL A 103 4.67 20.82 21.91
C VAL A 103 4.01 19.71 21.11
N THR A 104 3.04 19.05 21.71
CA THR A 104 2.21 18.04 21.06
C THR A 104 0.83 18.61 20.81
N VAL A 105 0.32 18.42 19.60
CA VAL A 105 -1.05 18.80 19.26
C VAL A 105 -1.92 17.56 19.32
N LEU A 106 -2.88 17.55 20.25
CA LEU A 106 -3.73 16.42 20.54
C LEU A 106 -4.85 16.31 19.52
N GLY A 107 -5.30 15.08 19.28
CA GLY A 107 -6.51 14.81 18.55
C GLY A 107 -6.48 15.04 17.05
N GLN A 108 -5.33 14.89 16.40
CA GLN A 108 -5.27 15.05 14.97
C GLN A 108 -5.91 13.84 14.28
N PRO A 109 -6.24 13.98 13.00
CA PRO A 109 -6.94 12.89 12.31
C PRO A 109 -6.04 11.69 12.08
N LYS A 110 -6.62 10.50 12.22
CA LYS A 110 -5.92 9.28 11.88
C LYS A 110 -5.58 9.25 10.39
N ALA A 111 -4.48 8.57 10.06
CA ALA A 111 -4.07 8.38 8.67
C ALA A 111 -3.45 7.00 8.53
N ALA A 112 -3.96 6.22 7.59
CA ALA A 112 -3.50 4.84 7.42
C ALA A 112 -2.17 4.81 6.65
N PRO A 113 -1.34 3.81 6.92
CA PRO A 113 -0.01 3.79 6.29
C PRO A 113 -0.04 3.29 4.86
N SER A 114 0.85 3.85 4.04
CA SER A 114 1.21 3.28 2.75
C SER A 114 2.39 2.35 2.95
N VAL A 115 2.33 1.15 2.38
CA VAL A 115 3.36 0.13 2.54
C VAL A 115 3.93 -0.20 1.18
N THR A 116 5.26 -0.21 1.09
CA THR A 116 5.97 -0.67 -0.09
C THR A 116 6.97 -1.73 0.35
N LEU A 117 6.96 -2.87 -0.34
CA LEU A 117 7.86 -3.98 -0.04
C LEU A 117 8.68 -4.33 -1.28
N PHE A 118 10.00 -4.36 -1.11
CA PHE A 118 10.89 -4.74 -2.19
C PHE A 118 11.57 -6.07 -1.90
N PRO A 119 11.70 -6.95 -2.89
CA PRO A 119 12.45 -8.21 -2.70
C PRO A 119 13.94 -7.97 -2.82
N PRO A 120 14.75 -8.98 -2.57
CA PRO A 120 16.20 -8.82 -2.78
C PRO A 120 16.48 -8.56 -4.26
N SER A 121 17.46 -7.72 -4.52
CA SER A 121 17.87 -7.47 -5.89
C SER A 121 18.79 -8.59 -6.34
N SER A 122 18.81 -8.81 -7.66
CA SER A 122 19.67 -9.86 -8.19
C SER A 122 21.13 -9.56 -7.92
N GLU A 123 21.50 -8.27 -7.86
CA GLU A 123 22.88 -7.90 -7.55
C GLU A 123 23.23 -8.27 -6.11
N GLU A 124 22.32 -8.05 -5.17
CA GLU A 124 22.58 -8.50 -3.81
C GLU A 124 22.67 -10.02 -3.73
N LEU A 125 21.72 -10.71 -4.38
CA LEU A 125 21.74 -12.17 -4.39
C LEU A 125 23.07 -12.70 -4.92
N GLN A 126 23.63 -12.02 -5.92
CA GLN A 126 24.93 -12.42 -6.46
C GLN A 126 26.08 -12.18 -5.48
N ALA A 127 25.91 -11.24 -4.55
CA ALA A 127 26.89 -11.01 -3.48
C ALA A 127 26.63 -11.88 -2.25
N ASN A 128 25.84 -12.95 -2.39
CA ASN A 128 25.62 -13.91 -1.32
C ASN A 128 24.87 -13.31 -0.15
N LYS A 129 23.97 -12.35 -0.42
CA LYS A 129 23.16 -11.73 0.61
C LYS A 129 21.76 -11.49 0.05
N ALA A 130 20.83 -11.22 0.97
CA ALA A 130 19.45 -10.95 0.58
C ALA A 130 18.82 -10.11 1.68
N THR A 131 18.27 -8.96 1.30
CA THR A 131 17.51 -8.14 2.23
C THR A 131 16.13 -7.82 1.67
N LEU A 132 15.08 -8.09 2.45
CA LEU A 132 13.74 -7.60 2.15
C LEU A 132 13.56 -6.25 2.81
N VAL A 133 12.96 -5.30 2.08
CA VAL A 133 12.86 -3.91 2.52
C VAL A 133 11.38 -3.55 2.53
N CYS A 134 10.84 -3.26 3.71
CA CYS A 134 9.45 -2.84 3.91
C CYS A 134 9.40 -1.40 4.39
N LEU A 135 8.78 -0.54 3.60
CA LEU A 135 8.75 0.90 3.85
C LEU A 135 7.32 1.32 4.15
N VAL A 136 7.16 2.04 5.26
CA VAL A 136 5.86 2.44 5.78
C VAL A 136 5.84 3.96 5.95
N SER A 137 4.85 4.60 5.34
CA SER A 137 4.84 6.05 5.26
C SER A 137 3.43 6.62 5.51
N ASP A 138 3.41 7.87 5.98
CA ASP A 138 2.20 8.69 6.00
C ASP A 138 1.12 8.13 6.93
N PHE A 139 1.53 7.69 8.11
CA PHE A 139 0.58 7.22 9.10
C PHE A 139 0.58 8.16 10.32
N TYR A 140 -0.56 8.17 11.02
CA TYR A 140 -0.72 8.93 12.24
C TYR A 140 -1.83 8.27 13.03
N PRO A 141 -1.66 8.07 14.34
CA PRO A 141 -0.49 8.45 15.14
C PRO A 141 0.74 7.58 14.83
N GLY A 142 1.88 7.94 15.42
CA GLY A 142 3.12 7.26 15.15
C GLY A 142 3.31 6.04 16.00
N ALA A 143 2.36 5.12 15.92
CA ALA A 143 2.46 3.82 16.60
C ALA A 143 2.03 2.77 15.59
N VAL A 144 2.96 1.87 15.24
CA VAL A 144 2.70 0.80 14.29
C VAL A 144 3.28 -0.50 14.85
N THR A 145 2.77 -1.61 14.32
CA THR A 145 3.40 -2.91 14.49
C THR A 145 3.78 -3.42 13.10
N VAL A 146 5.04 -3.76 12.92
CA VAL A 146 5.50 -4.38 11.68
C VAL A 146 5.91 -5.80 12.00
N ALA A 147 5.26 -6.75 11.33
CA ALA A 147 5.57 -8.17 11.48
C ALA A 147 5.86 -8.77 10.12
N TRP A 148 6.65 -9.85 10.11
CA TRP A 148 7.06 -10.50 8.88
C TRP A 148 6.56 -11.94 8.92
N LYS A 149 6.16 -12.44 7.75
CA LYS A 149 5.74 -13.83 7.58
C LYS A 149 6.56 -14.47 6.48
N ALA A 150 6.75 -15.78 6.61
CA ALA A 150 7.36 -16.60 5.56
C ALA A 150 6.46 -17.80 5.37
N ASP A 151 5.88 -17.92 4.17
CA ASP A 151 4.92 -18.98 3.86
C ASP A 151 3.76 -18.96 4.86
N GLY A 152 3.32 -17.76 5.19
CA GLY A 152 2.17 -17.59 6.05
C GLY A 152 2.42 -17.79 7.53
N SER A 153 3.66 -18.02 7.95
CA SER A 153 3.97 -18.22 9.36
C SER A 153 4.86 -17.09 9.88
N PRO A 154 4.73 -16.74 11.15
CA PRO A 154 5.52 -15.61 11.67
C PRO A 154 7.01 -15.86 11.56
N VAL A 155 7.74 -14.81 11.19
CA VAL A 155 9.20 -14.79 11.19
C VAL A 155 9.66 -13.63 12.05
N LYS A 156 10.57 -13.89 12.98
CA LYS A 156 11.13 -12.84 13.83
C LYS A 156 12.63 -12.71 13.75
N VAL A 157 13.35 -13.83 13.57
CA VAL A 157 14.82 -13.77 13.49
C VAL A 157 15.24 -12.98 12.26
N GLY A 158 16.16 -12.04 12.45
CA GLY A 158 16.74 -11.31 11.34
C GLY A 158 16.01 -10.04 10.97
N VAL A 159 15.00 -9.66 11.72
CA VAL A 159 14.22 -8.46 11.43
C VAL A 159 14.82 -7.28 12.19
N GLU A 160 14.92 -6.14 11.50
CA GLU A 160 15.39 -4.89 12.09
C GLU A 160 14.40 -3.79 11.70
N THR A 161 13.76 -3.18 12.69
CA THR A 161 12.70 -2.20 12.44
C THR A 161 13.01 -0.91 13.18
N THR A 162 12.82 0.23 12.50
CA THR A 162 13.09 1.53 13.09
C THR A 162 11.88 2.01 13.90
N LYS A 163 12.15 2.96 14.79
CA LYS A 163 11.08 3.69 15.45
C LYS A 163 10.45 4.64 14.46
N PRO A 164 9.12 4.84 14.50
CA PRO A 164 8.51 5.81 13.57
C PRO A 164 9.05 7.22 13.81
N SER A 165 9.29 7.93 12.71
CA SER A 165 9.85 9.27 12.74
C SER A 165 8.92 10.21 12.00
N LYS A 166 8.86 11.46 12.47
CA LYS A 166 7.95 12.44 11.91
C LYS A 166 8.40 12.90 10.54
N GLN A 167 7.45 13.03 9.62
CA GLN A 167 7.75 13.41 8.25
C GLN A 167 7.60 14.91 8.06
N SER A 168 7.78 15.34 6.81
CA SER A 168 7.51 16.73 6.43
C SER A 168 6.11 17.18 6.87
N ASN A 169 5.11 16.38 6.52
CA ASN A 169 3.70 16.70 6.68
C ASN A 169 3.15 16.33 8.05
N ASN A 170 4.02 16.14 9.03
CA ASN A 170 3.61 15.81 10.40
C ASN A 170 3.11 14.37 10.53
N LYS A 171 3.13 13.57 9.47
CA LYS A 171 2.85 12.14 9.58
C LYS A 171 4.15 11.38 9.80
N TYR A 172 4.02 10.08 10.05
CA TYR A 172 5.14 9.27 10.49
C TYR A 172 5.61 8.31 9.41
N ALA A 173 6.91 7.98 9.46
CA ALA A 173 7.50 6.99 8.58
C ALA A 173 8.31 6.00 9.38
N ALA A 174 8.38 4.77 8.87
CA ALA A 174 9.17 3.73 9.49
C ALA A 174 9.59 2.76 8.39
N SER A 175 10.65 2.01 8.66
CA SER A 175 11.07 0.97 7.73
C SER A 175 11.51 -0.26 8.49
N SER A 176 11.44 -1.41 7.83
CA SER A 176 11.77 -2.68 8.45
C SER A 176 12.56 -3.48 7.44
N TYR A 177 13.62 -4.13 7.92
CA TYR A 177 14.52 -4.92 7.08
C TYR A 177 14.56 -6.35 7.60
N LEU A 178 14.34 -7.31 6.70
CA LEU A 178 14.49 -8.73 7.00
C LEU A 178 15.71 -9.21 6.23
N SER A 179 16.75 -9.62 6.96
CA SER A 179 18.00 -10.05 6.36
C SER A 179 17.98 -11.58 6.28
N LEU A 180 18.20 -12.10 5.08
CA LEU A 180 18.15 -13.53 4.83
C LEU A 180 19.42 -13.95 4.10
N THR A 181 19.62 -15.27 3.99
CA THR A 181 20.59 -15.77 3.03
C THR A 181 19.88 -16.03 1.70
N PRO A 182 20.61 -16.07 0.60
CA PRO A 182 19.95 -16.41 -0.68
C PRO A 182 19.23 -17.75 -0.63
N GLU A 183 19.75 -18.70 0.17
CA GLU A 183 19.13 -20.01 0.28
C GLU A 183 17.75 -19.91 0.93
N GLN A 184 17.67 -19.19 2.05
CA GLN A 184 16.37 -18.98 2.69
C GLN A 184 15.39 -18.27 1.77
N TRP A 185 15.84 -17.23 1.06
CA TRP A 185 14.97 -16.52 0.15
C TRP A 185 14.35 -17.46 -0.87
N LYS A 186 15.16 -18.33 -1.46
CA LYS A 186 14.68 -19.26 -2.48
C LYS A 186 13.91 -20.42 -1.89
N SER A 187 13.97 -20.62 -0.57
CA SER A 187 13.37 -21.80 0.04
C SER A 187 11.87 -21.67 0.25
N HIS A 188 11.36 -20.44 0.34
CA HIS A 188 9.96 -20.20 0.66
C HIS A 188 9.21 -19.75 -0.58
N ARG A 189 7.90 -20.00 -0.58
CA ARG A 189 7.08 -19.56 -1.71
C ARG A 189 6.85 -18.07 -1.65
N SER A 190 6.80 -17.49 -0.45
CA SER A 190 6.47 -16.08 -0.32
C SER A 190 6.99 -15.56 1.01
N TYR A 191 7.18 -14.23 1.04
CA TYR A 191 7.45 -13.48 2.26
C TYR A 191 6.47 -12.32 2.30
N SER A 192 6.10 -11.92 3.50
CA SER A 192 5.11 -10.86 3.65
C SER A 192 5.53 -9.89 4.74
N CYS A 193 5.19 -8.60 4.52
CA CYS A 193 5.32 -7.54 5.52
C CYS A 193 3.90 -7.17 5.95
N ARG A 194 3.61 -7.30 7.23
CA ARG A 194 2.28 -7.04 7.77
C ARG A 194 2.35 -5.86 8.72
N VAL A 195 1.65 -4.78 8.37
CA VAL A 195 1.69 -3.51 9.10
C VAL A 195 0.33 -3.28 9.73
N THR A 196 0.29 -3.25 11.07
CA THR A 196 -0.95 -3.02 11.81
C THR A 196 -0.94 -1.63 12.42
N HIS A 197 -2.01 -0.87 12.19
CA HIS A 197 -2.09 0.53 12.58
C HIS A 197 -3.52 0.83 13.00
N GLU A 198 -3.69 1.16 14.28
CA GLU A 198 -4.99 1.54 14.81
C GLU A 198 -6.04 0.47 14.52
N GLY A 199 -5.65 -0.79 14.68
CA GLY A 199 -6.60 -1.88 14.53
C GLY A 199 -6.81 -2.38 13.12
N SER A 200 -6.30 -1.68 12.11
CA SER A 200 -6.38 -2.09 10.72
C SER A 200 -5.01 -2.47 10.20
N THR A 201 -4.98 -3.37 9.22
CA THR A 201 -3.73 -3.99 8.77
C THR A 201 -3.59 -3.89 7.27
N VAL A 202 -2.37 -3.63 6.81
CA VAL A 202 -1.99 -3.69 5.40
C VAL A 202 -0.88 -4.71 5.26
N GLU A 203 -1.02 -5.65 4.32
CA GLU A 203 -0.01 -6.68 4.12
C GLU A 203 0.37 -6.75 2.65
N LYS A 204 1.67 -6.66 2.38
CA LYS A 204 2.19 -6.84 1.04
C LYS A 204 3.05 -8.09 1.02
N THR A 205 3.07 -8.76 -0.12
CA THR A 205 3.72 -10.06 -0.26
C THR A 205 4.64 -10.01 -1.47
N VAL A 206 5.78 -10.71 -1.37
CA VAL A 206 6.70 -10.88 -2.49
C VAL A 206 7.02 -12.36 -2.60
N ALA A 207 7.32 -12.80 -3.82
CA ALA A 207 7.57 -14.21 -4.11
C ALA A 207 8.84 -14.35 -4.94
N PRO A 208 9.80 -15.21 -4.55
CA PRO A 208 11.02 -15.40 -5.36
C PRO A 208 10.71 -15.75 -6.81
N VAL B 2 20.95 34.14 2.05
CA VAL B 2 21.98 33.80 3.02
C VAL B 2 22.05 32.28 3.21
N HIS B 3 23.25 31.73 3.02
CA HIS B 3 23.48 30.30 3.17
C HIS B 3 24.68 30.06 4.07
N LEU B 4 24.55 29.09 4.97
CA LEU B 4 25.63 28.59 5.80
C LEU B 4 25.70 27.09 5.57
N VAL B 5 26.87 26.61 5.14
CA VAL B 5 27.08 25.21 4.79
C VAL B 5 28.24 24.66 5.58
N GLU B 6 27.95 23.77 6.54
CA GLU B 6 28.98 23.15 7.35
C GLU B 6 29.51 21.89 6.66
N SER B 7 30.74 21.54 7.02
CA SER B 7 31.44 20.41 6.42
C SER B 7 32.49 19.88 7.38
N GLY B 8 32.93 18.64 7.13
CA GLY B 8 34.01 18.06 7.90
C GLY B 8 33.59 17.05 8.95
N GLY B 9 32.30 16.87 9.18
CA GLY B 9 31.87 15.86 10.13
C GLY B 9 32.21 14.45 9.70
N GLY B 10 32.38 13.58 10.70
CA GLY B 10 32.68 12.19 10.42
C GLY B 10 33.12 11.49 11.68
N LEU B 11 33.71 10.32 11.51
CA LEU B 11 34.18 9.52 12.62
C LEU B 11 35.52 10.04 13.11
N VAL B 12 35.66 10.10 14.43
CA VAL B 12 36.92 10.42 15.09
C VAL B 12 37.06 9.50 16.31
N LYS B 13 38.26 9.01 16.54
CA LYS B 13 38.52 8.12 17.65
C LYS B 13 38.58 8.91 18.96
N PRO B 14 38.21 8.28 20.08
CA PRO B 14 38.34 8.97 21.37
C PRO B 14 39.74 9.52 21.53
N GLY B 15 39.81 10.78 21.94
CA GLY B 15 41.08 11.47 22.09
C GLY B 15 41.58 12.09 20.82
N GLY B 16 40.83 12.03 19.73
CA GLY B 16 41.31 12.47 18.45
C GLY B 16 40.92 13.90 18.14
N SER B 17 41.24 14.32 16.92
CA SER B 17 41.03 15.69 16.49
C SER B 17 40.22 15.68 15.19
N LEU B 18 39.53 16.80 14.96
CA LEU B 18 38.75 16.98 13.74
C LEU B 18 38.56 18.47 13.52
N ARG B 19 38.55 18.90 12.26
CA ARG B 19 38.35 20.30 11.88
C ARG B 19 37.05 20.41 11.11
N LEU B 20 36.14 21.26 11.58
CA LEU B 20 34.91 21.57 10.86
C LEU B 20 35.04 22.91 10.15
N SER B 21 34.30 23.03 9.05
CA SER B 21 34.26 24.26 8.26
C SER B 21 32.83 24.71 8.04
N CYS B 22 32.65 26.01 7.87
CA CYS B 22 31.33 26.58 7.54
C CYS B 22 31.54 27.63 6.48
N ALA B 23 31.03 27.38 5.28
CA ALA B 23 31.13 28.31 4.17
C ALA B 23 29.87 29.14 4.08
N ALA B 24 30.02 30.46 4.14
CA ALA B 24 28.89 31.39 4.14
C ALA B 24 28.77 32.10 2.80
N SER B 25 27.53 32.38 2.41
CA SER B 25 27.23 33.02 1.15
C SER B 25 26.05 33.96 1.34
N GLY B 26 26.01 35.02 0.53
CA GLY B 26 24.86 35.88 0.45
C GLY B 26 24.79 37.00 1.45
N PHE B 27 25.88 37.26 2.18
CA PHE B 27 25.93 38.41 3.07
C PHE B 27 27.40 38.75 3.35
N THR B 28 27.61 39.92 3.94
CA THR B 28 28.96 40.40 4.21
C THR B 28 29.48 39.68 5.44
N PHE B 29 30.05 38.50 5.21
CA PHE B 29 30.59 37.67 6.29
C PHE B 29 31.51 38.47 7.20
N SER B 30 32.32 39.36 6.62
CA SER B 30 33.36 40.04 7.37
C SER B 30 32.80 40.96 8.44
N SER B 31 31.49 41.19 8.46
CA SER B 31 30.90 42.16 9.38
C SER B 31 30.08 41.53 10.50
N TYR B 32 30.04 40.21 10.60
CA TYR B 32 29.20 39.54 11.59
C TYR B 32 30.01 38.68 12.54
N THR B 33 29.55 38.63 13.79
CA THR B 33 29.99 37.62 14.73
C THR B 33 29.34 36.28 14.39
N MET B 34 30.14 35.21 14.45
CA MET B 34 29.67 33.89 14.05
C MET B 34 29.83 32.92 15.22
N ASN B 35 29.02 31.86 15.20
CA ASN B 35 28.95 30.95 16.33
C ASN B 35 28.90 29.51 15.86
N TRP B 36 29.31 28.62 16.75
CA TRP B 36 29.08 27.18 16.60
C TRP B 36 28.15 26.79 17.73
N VAL B 37 27.09 26.06 17.37
CA VAL B 37 26.17 25.46 18.32
C VAL B 37 26.08 23.99 17.94
N ARG B 38 25.92 23.11 18.94
CA ARG B 38 25.83 21.68 18.69
C ARG B 38 24.60 21.08 19.37
N GLN B 39 24.26 19.87 18.95
CA GLN B 39 23.06 19.20 19.46
C GLN B 39 23.30 17.70 19.38
N ALA B 40 23.47 17.07 20.55
CA ALA B 40 23.60 15.63 20.62
C ALA B 40 22.30 15.00 20.15
N PRO B 41 22.36 13.75 19.68
CA PRO B 41 21.15 13.12 19.12
C PRO B 41 20.06 13.04 20.16
N GLY B 42 18.88 13.54 19.81
CA GLY B 42 17.74 13.50 20.70
C GLY B 42 17.80 14.41 21.90
N LYS B 43 18.78 15.31 21.97
CA LYS B 43 18.93 16.20 23.11
C LYS B 43 18.83 17.65 22.63
N GLY B 44 19.16 18.58 23.53
CA GLY B 44 18.92 19.99 23.30
C GLY B 44 20.10 20.71 22.67
N LEU B 45 19.86 21.98 22.36
CA LEU B 45 20.90 22.84 21.79
C LEU B 45 21.90 23.27 22.86
N GLU B 46 23.17 23.26 22.50
CA GLU B 46 24.26 23.69 23.39
C GLU B 46 25.20 24.60 22.62
N TRP B 47 25.31 25.85 23.06
CA TRP B 47 26.26 26.76 22.45
C TRP B 47 27.68 26.24 22.65
N VAL B 48 28.51 26.41 21.63
CA VAL B 48 29.90 25.97 21.66
C VAL B 48 30.86 27.17 21.75
N SER B 49 30.75 28.12 20.81
CA SER B 49 31.81 29.13 20.66
C SER B 49 31.32 30.26 19.76
N SER B 50 31.89 31.44 19.98
CA SER B 50 31.61 32.60 19.14
C SER B 50 32.91 33.31 18.82
N ILE B 51 32.95 33.93 17.65
CA ILE B 51 34.12 34.67 17.18
C ILE B 51 33.63 35.95 16.50
N SER B 52 34.16 37.10 16.95
CA SER B 52 33.79 38.39 16.39
C SER B 52 34.34 38.56 14.97
N SER B 53 33.81 39.56 14.28
CA SER B 53 34.19 39.81 12.88
C SER B 53 35.70 39.89 12.71
N SER B 54 36.36 40.67 13.56
CA SER B 54 37.80 40.87 13.48
C SER B 54 38.59 39.79 14.18
N SER B 55 37.93 38.77 14.72
CA SER B 55 38.54 37.71 15.49
C SER B 55 39.13 38.21 16.79
N THR B 56 38.78 39.42 17.21
CA THR B 56 39.31 39.97 18.45
C THR B 56 38.66 39.36 19.68
N TYR B 57 37.33 39.21 19.67
CA TYR B 57 36.56 38.71 20.80
C TYR B 57 36.11 37.28 20.54
N ILE B 58 36.66 36.34 21.32
CA ILE B 58 36.41 34.91 21.19
C ILE B 58 35.97 34.39 22.54
N TYR B 59 34.89 33.60 22.56
CA TYR B 59 34.39 33.01 23.78
C TYR B 59 34.09 31.53 23.54
N TYR B 60 34.09 30.76 24.62
CA TYR B 60 33.91 29.31 24.56
C TYR B 60 33.00 28.85 25.69
N ALA B 61 32.21 27.81 25.41
CA ALA B 61 31.49 27.14 26.49
C ALA B 61 32.48 26.45 27.42
N ASP B 62 32.10 26.36 28.70
CA ASP B 62 32.96 25.69 29.68
C ASP B 62 33.22 24.25 29.29
N SER B 63 32.25 23.62 28.62
CA SER B 63 32.36 22.21 28.25
C SER B 63 33.46 21.95 27.23
N VAL B 64 33.92 22.96 26.51
CA VAL B 64 34.90 22.76 25.45
C VAL B 64 36.14 23.62 25.64
N ARG B 65 36.12 24.53 26.61
CA ARG B 65 37.24 25.43 26.83
C ARG B 65 38.52 24.62 27.00
N GLY B 66 39.54 24.97 26.21
CA GLY B 66 40.84 24.34 26.29
C GLY B 66 41.03 23.19 25.34
N ARG B 67 39.97 22.73 24.70
CA ARG B 67 40.06 21.66 23.71
C ARG B 67 39.68 22.11 22.30
N PHE B 68 38.82 23.11 22.16
CA PHE B 68 38.34 23.54 20.86
C PHE B 68 38.94 24.90 20.53
N THR B 69 39.12 25.16 19.24
CA THR B 69 39.66 26.44 18.77
C THR B 69 38.79 26.91 17.61
N ILE B 70 38.12 28.05 17.81
CA ILE B 70 37.35 28.67 16.74
C ILE B 70 38.27 29.59 15.97
N SER B 71 37.99 29.75 14.68
CA SER B 71 38.77 30.67 13.87
C SER B 71 37.96 31.00 12.63
N ARG B 72 38.42 32.01 11.89
CA ARG B 72 37.71 32.37 10.68
C ARG B 72 38.69 32.87 9.64
N ASP B 73 38.32 32.71 8.38
CA ASP B 73 39.08 33.25 7.26
C ASP B 73 38.07 34.17 6.60
N ASN B 74 37.99 35.43 7.06
CA ASN B 74 37.14 36.37 6.35
C ASN B 74 37.36 36.31 4.84
N ALA B 75 38.53 35.90 4.40
CA ALA B 75 38.81 35.79 2.99
C ALA B 75 37.88 34.84 2.29
N LYS B 76 37.78 33.61 2.79
CA LYS B 76 36.94 32.63 2.07
C LYS B 76 35.52 32.55 2.61
N ASN B 77 35.06 33.63 3.24
CA ASN B 77 33.73 33.68 3.85
C ASN B 77 33.47 32.37 4.59
N SER B 78 34.47 31.96 5.38
CA SER B 78 34.45 30.67 6.05
C SER B 78 34.83 30.79 7.52
N LEU B 79 34.22 29.91 8.31
CA LEU B 79 34.39 29.79 9.74
C LEU B 79 34.87 28.38 10.01
N TYR B 80 35.71 28.23 11.04
CA TYR B 80 36.33 26.95 11.33
C TYR B 80 36.19 26.61 12.81
N LEU B 81 36.17 25.31 13.10
CA LEU B 81 36.18 24.83 14.48
C LEU B 81 37.14 23.66 14.56
N GLN B 82 38.26 23.84 15.27
CA GLN B 82 39.26 22.80 15.46
C GLN B 82 38.99 22.14 16.80
N MET B 83 38.72 20.84 16.78
CA MET B 83 38.36 20.10 17.99
C MET B 83 39.46 19.09 18.29
N ASN B 84 39.93 19.08 19.53
CA ASN B 84 40.96 18.14 19.96
C ASN B 84 40.53 17.49 21.27
N SER B 85 41.21 16.40 21.61
CA SER B 85 40.86 15.57 22.77
C SER B 85 39.36 15.31 22.82
N LEU B 86 38.82 14.82 21.70
CA LEU B 86 37.38 14.63 21.59
C LEU B 86 36.94 13.41 22.40
N ARG B 87 35.75 13.52 22.99
CA ARG B 87 35.15 12.45 23.76
C ARG B 87 33.80 12.08 23.15
N ALA B 88 33.22 10.99 23.64
CA ALA B 88 31.92 10.56 23.13
C ALA B 88 30.83 11.58 23.43
N GLU B 89 30.92 12.28 24.56
CA GLU B 89 29.98 13.35 24.88
C GLU B 89 29.95 14.43 23.81
N ASP B 90 31.00 14.54 22.99
CA ASP B 90 31.08 15.54 21.93
C ASP B 90 30.38 15.11 20.64
N SER B 91 29.85 13.89 20.58
CA SER B 91 29.11 13.46 19.41
C SER B 91 27.82 14.26 19.29
N ALA B 92 27.63 14.91 18.14
CA ALA B 92 26.50 15.80 17.96
C ALA B 92 26.49 16.30 16.51
N VAL B 93 25.37 16.90 16.14
CA VAL B 93 25.32 17.75 14.96
C VAL B 93 25.87 19.11 15.34
N TYR B 94 26.81 19.60 14.55
CA TYR B 94 27.46 20.89 14.81
C TYR B 94 26.92 21.87 13.78
N TYR B 95 26.29 22.94 14.28
CA TYR B 95 25.65 23.98 13.48
C TYR B 95 26.51 25.25 13.48
N CYS B 96 26.57 25.88 12.31
CA CYS B 96 27.08 27.23 12.12
C CYS B 96 25.91 28.19 12.22
N ALA B 97 26.07 29.26 13.00
CA ALA B 97 24.99 30.23 13.17
C ALA B 97 25.49 31.67 13.22
N ARG B 98 24.77 32.54 12.52
CA ARG B 98 25.11 33.95 12.45
C ARG B 98 24.44 34.70 13.59
N ARG B 99 25.21 35.52 14.30
CA ARG B 99 24.67 36.35 15.36
C ARG B 99 24.17 37.66 14.78
N ALA B 100 23.04 38.14 15.31
CA ALA B 100 22.46 39.41 14.92
C ALA B 100 22.05 40.17 16.18
N GLY B 101 21.71 41.44 16.00
CA GLY B 101 21.36 42.28 17.12
C GLY B 101 22.57 42.96 17.74
N GLY B 102 22.30 43.87 18.67
CA GLY B 102 23.36 44.61 19.32
C GLY B 102 23.12 44.71 20.82
N PHE B 103 24.22 44.95 21.53
CA PHE B 103 24.20 45.45 22.90
C PHE B 103 23.38 44.54 23.81
N ASP B 104 23.82 43.28 23.87
CA ASP B 104 23.27 42.23 24.72
C ASP B 104 21.90 41.74 24.25
N ALA B 105 21.35 42.31 23.18
CA ALA B 105 20.08 41.84 22.62
C ALA B 105 20.33 40.97 21.39
N TYR B 106 21.10 39.91 21.60
CA TYR B 106 21.65 39.12 20.52
C TYR B 106 20.75 37.93 20.21
N TYR B 107 20.78 37.49 18.95
CA TYR B 107 20.07 36.27 18.55
C TYR B 107 20.77 35.68 17.31
N PHE B 108 20.39 34.43 16.98
CA PHE B 108 20.90 33.76 15.78
C PHE B 108 19.81 33.78 14.72
N ASP B 109 20.01 34.53 13.64
CA ASP B 109 18.97 34.68 12.64
C ASP B 109 19.12 33.73 11.45
N TYR B 110 20.29 33.12 11.28
CA TYR B 110 20.47 32.12 10.24
C TYR B 110 21.32 30.99 10.77
N TRP B 111 20.94 29.76 10.40
CA TRP B 111 21.61 28.53 10.81
C TRP B 111 21.93 27.70 9.58
N GLY B 112 23.01 26.94 9.64
CA GLY B 112 23.29 25.92 8.64
C GLY B 112 22.50 24.65 8.88
N GLN B 113 22.64 23.69 7.95
CA GLN B 113 21.96 22.41 8.12
C GLN B 113 22.67 21.50 9.10
N GLY B 114 23.94 21.76 9.38
CA GLY B 114 24.68 21.03 10.40
C GLY B 114 25.52 19.91 9.80
N THR B 115 26.60 19.58 10.49
CA THR B 115 27.45 18.45 10.12
C THR B 115 27.58 17.52 11.32
N LEU B 116 27.47 16.21 11.09
CA LEU B 116 27.42 15.26 12.19
C LEU B 116 28.82 14.76 12.53
N VAL B 117 29.18 14.87 13.81
CA VAL B 117 30.44 14.36 14.34
C VAL B 117 30.15 13.14 15.21
N THR B 118 30.81 12.02 14.89
CA THR B 118 30.64 10.79 15.65
C THR B 118 31.98 10.42 16.27
N VAL B 119 32.03 10.35 17.59
CA VAL B 119 33.25 10.00 18.32
C VAL B 119 33.06 8.57 18.81
N SER B 120 33.82 7.64 18.26
CA SER B 120 33.62 6.22 18.51
C SER B 120 34.90 5.48 18.20
N SER B 121 35.11 4.39 18.92
CA SER B 121 36.22 3.49 18.63
C SER B 121 35.89 2.46 17.56
N ALA B 122 34.64 2.40 17.08
CA ALA B 122 34.31 1.55 15.95
C ALA B 122 34.98 2.09 14.68
N SER B 123 34.98 1.28 13.63
CA SER B 123 35.73 1.63 12.43
C SER B 123 34.80 2.04 11.28
N THR B 124 35.31 2.93 10.44
CA THR B 124 34.59 3.37 9.26
C THR B 124 34.20 2.18 8.40
N LYS B 125 33.05 2.30 7.74
CA LYS B 125 32.65 1.32 6.73
C LYS B 125 31.76 2.03 5.70
N GLY B 126 32.18 2.04 4.46
CA GLY B 126 31.39 2.61 3.39
C GLY B 126 30.26 1.68 2.97
N PRO B 127 29.25 2.24 2.29
CA PRO B 127 28.04 1.47 2.02
C PRO B 127 28.10 0.60 0.77
N SER B 128 27.26 -0.42 0.77
CA SER B 128 26.95 -1.21 -0.41
C SER B 128 25.59 -0.76 -0.92
N VAL B 129 25.52 -0.32 -2.16
CA VAL B 129 24.29 0.23 -2.73
C VAL B 129 23.72 -0.79 -3.70
N PHE B 130 22.46 -1.15 -3.50
CA PHE B 130 21.78 -2.08 -4.39
C PHE B 130 20.50 -1.46 -4.93
N PRO B 131 20.16 -1.72 -6.18
CA PRO B 131 18.91 -1.14 -6.73
C PRO B 131 17.68 -1.84 -6.15
N LEU B 132 16.65 -1.04 -5.89
CA LEU B 132 15.31 -1.56 -5.58
C LEU B 132 14.49 -1.36 -6.84
N ALA B 133 14.38 -2.40 -7.68
CA ALA B 133 13.82 -2.25 -9.01
C ALA B 133 12.31 -2.07 -8.94
N PRO B 134 11.73 -1.27 -9.85
CA PRO B 134 10.28 -1.01 -9.83
C PRO B 134 9.41 -2.21 -10.27
N THR B 139 3.81 -1.66 -8.51
CA THR B 139 3.33 -0.48 -9.20
C THR B 139 1.97 -0.07 -8.66
N SER B 140 1.59 1.21 -8.95
CA SER B 140 0.33 1.78 -8.46
C SER B 140 -0.29 2.61 -9.60
N GLY B 141 -0.86 1.90 -10.58
CA GLY B 141 -1.47 2.55 -11.73
C GLY B 141 -0.51 3.42 -12.51
N GLY B 142 -0.72 4.74 -12.48
CA GLY B 142 0.12 5.65 -13.24
C GLY B 142 1.51 5.81 -12.68
N THR B 143 1.71 5.53 -11.39
CA THR B 143 3.00 5.67 -10.74
C THR B 143 3.51 4.32 -10.24
N ALA B 144 4.83 4.21 -10.14
CA ALA B 144 5.48 3.05 -9.57
C ALA B 144 6.57 3.54 -8.62
N ALA B 145 6.99 2.64 -7.73
CA ALA B 145 8.03 2.93 -6.75
C ALA B 145 9.30 2.20 -7.12
N LEU B 146 10.41 2.93 -7.10
CA LEU B 146 11.74 2.33 -7.24
C LEU B 146 12.62 2.96 -6.19
N GLY B 147 13.75 2.33 -5.90
CA GLY B 147 14.59 2.86 -4.85
C GLY B 147 16.02 2.37 -4.92
N CYS B 148 16.76 2.72 -3.87
CA CYS B 148 18.13 2.27 -3.66
C CYS B 148 18.25 1.87 -2.20
N LEU B 149 18.83 0.71 -1.97
CA LEU B 149 19.15 0.23 -0.63
C LEU B 149 20.61 0.56 -0.35
N VAL B 150 20.85 1.25 0.74
CA VAL B 150 22.18 1.68 1.16
C VAL B 150 22.47 0.91 2.44
N LYS B 151 23.26 -0.14 2.32
CA LYS B 151 23.39 -1.11 3.40
C LYS B 151 24.75 -1.03 4.09
N ASP B 152 24.74 -1.23 5.41
CA ASP B 152 25.92 -1.57 6.19
C ASP B 152 27.02 -0.52 6.01
N TYR B 153 26.73 0.68 6.53
CA TYR B 153 27.73 1.74 6.57
C TYR B 153 27.85 2.25 7.99
N PHE B 154 28.96 2.97 8.25
CA PHE B 154 29.22 3.59 9.55
C PHE B 154 30.33 4.61 9.37
N PRO B 155 30.22 5.80 9.99
CA PRO B 155 29.07 6.26 10.79
C PRO B 155 27.98 6.84 9.89
N GLU B 156 26.94 7.40 10.51
CA GLU B 156 26.06 8.32 9.80
C GLU B 156 26.83 9.61 9.50
N PRO B 157 26.35 10.42 8.53
CA PRO B 157 25.17 10.17 7.70
C PRO B 157 25.47 9.78 6.27
N VAL B 158 24.39 9.42 5.57
CA VAL B 158 24.41 9.18 4.14
C VAL B 158 23.35 10.09 3.54
N THR B 159 23.68 10.76 2.44
CA THR B 159 22.70 11.52 1.68
C THR B 159 22.49 10.86 0.32
N VAL B 160 21.28 11.02 -0.21
CA VAL B 160 20.90 10.42 -1.47
C VAL B 160 20.21 11.46 -2.33
N SER B 161 20.71 11.61 -3.55
CA SER B 161 20.07 12.39 -4.61
C SER B 161 19.63 11.42 -5.70
N TRP B 162 18.83 11.94 -6.64
CA TRP B 162 18.37 11.17 -7.78
C TRP B 162 18.61 11.96 -9.05
N ASN B 163 19.21 11.30 -10.06
CA ASN B 163 19.57 11.94 -11.31
C ASN B 163 20.26 13.28 -11.07
N SER B 164 21.18 13.29 -10.10
CA SER B 164 22.06 14.44 -9.85
C SER B 164 21.27 15.66 -9.43
N GLY B 165 20.18 15.46 -8.71
CA GLY B 165 19.34 16.54 -8.24
C GLY B 165 18.23 16.93 -9.18
N ALA B 166 18.26 16.44 -10.43
CA ALA B 166 17.20 16.78 -11.37
C ALA B 166 15.87 16.11 -11.02
N LEU B 167 15.90 15.06 -10.21
CA LEU B 167 14.69 14.37 -9.77
C LEU B 167 14.54 14.65 -8.28
N THR B 168 13.60 15.53 -7.96
CA THR B 168 13.27 15.86 -6.58
C THR B 168 11.84 15.48 -6.22
N SER B 169 10.93 15.43 -7.20
CA SER B 169 9.54 15.11 -6.94
C SER B 169 9.38 13.64 -6.56
N GLY B 170 8.58 13.40 -5.53
CA GLY B 170 8.26 12.04 -5.15
C GLY B 170 9.38 11.29 -4.48
N VAL B 171 10.42 11.98 -4.02
CA VAL B 171 11.56 11.33 -3.39
C VAL B 171 11.31 11.27 -1.89
N HIS B 172 11.53 10.09 -1.31
CA HIS B 172 11.42 9.91 0.14
C HIS B 172 12.63 9.07 0.59
N THR B 173 13.59 9.73 1.23
CA THR B 173 14.71 9.01 1.83
C THR B 173 14.35 8.75 3.29
N PHE B 174 14.38 7.48 3.71
CA PHE B 174 13.89 7.09 5.02
C PHE B 174 15.00 7.20 6.06
N PRO B 175 14.66 7.46 7.32
CA PRO B 175 15.68 7.43 8.37
C PRO B 175 16.36 6.07 8.44
N ALA B 176 17.64 6.08 8.79
CA ALA B 176 18.42 4.85 8.77
C ALA B 176 18.04 3.97 9.95
N VAL B 177 18.18 2.67 9.77
CA VAL B 177 18.06 1.70 10.84
C VAL B 177 19.45 1.37 11.38
N LEU B 178 19.56 1.32 12.70
CA LEU B 178 20.77 0.82 13.34
C LEU B 178 20.60 -0.67 13.58
N GLN B 179 21.39 -1.47 12.88
CA GLN B 179 21.28 -2.92 12.97
C GLN B 179 21.95 -3.44 14.23
N SER B 180 21.61 -4.69 14.58
CA SER B 180 22.38 -5.43 15.58
C SER B 180 23.87 -5.27 15.30
N SER B 181 24.27 -5.56 14.07
CA SER B 181 25.59 -5.22 13.53
C SER B 181 26.31 -4.11 14.27
N GLY B 182 25.64 -3.00 14.48
CA GLY B 182 26.30 -1.74 14.76
C GLY B 182 26.49 -0.89 13.54
N LEU B 183 26.14 -1.40 12.37
CA LEU B 183 26.15 -0.64 11.14
C LEU B 183 24.76 -0.11 10.82
N TYR B 184 24.72 0.89 9.94
CA TYR B 184 23.46 1.51 9.52
C TYR B 184 23.07 1.05 8.11
N SER B 185 21.77 1.08 7.85
CA SER B 185 21.23 0.91 6.51
C SER B 185 20.09 1.90 6.33
N LEU B 186 19.89 2.35 5.09
CA LEU B 186 18.72 3.14 4.79
C LEU B 186 18.26 2.85 3.37
N SER B 187 17.10 3.40 3.02
CA SER B 187 16.51 3.25 1.70
C SER B 187 16.01 4.58 1.21
N SER B 188 16.18 4.84 -0.07
CA SER B 188 15.61 5.98 -0.77
C SER B 188 14.65 5.45 -1.83
N VAL B 189 13.45 6.01 -1.87
CA VAL B 189 12.41 5.58 -2.79
C VAL B 189 11.87 6.77 -3.57
N VAL B 190 11.61 6.57 -4.85
CA VAL B 190 11.04 7.59 -5.72
C VAL B 190 9.74 7.04 -6.31
N THR B 191 8.70 7.86 -6.30
CA THR B 191 7.45 7.57 -7.00
C THR B 191 7.53 8.20 -8.38
N VAL B 192 7.60 7.38 -9.41
CA VAL B 192 7.83 7.86 -10.77
C VAL B 192 6.74 7.31 -11.67
N PRO B 193 6.57 7.90 -12.86
CA PRO B 193 5.54 7.40 -13.79
C PRO B 193 5.90 6.02 -14.32
N SER B 194 4.95 5.09 -14.25
CA SER B 194 5.16 3.78 -14.83
C SER B 194 5.37 3.86 -16.33
N SER B 195 4.98 4.98 -16.96
CA SER B 195 5.13 5.15 -18.39
C SER B 195 6.59 5.22 -18.84
N SER B 196 7.52 5.45 -17.93
CA SER B 196 8.92 5.73 -18.30
C SER B 196 9.89 4.82 -17.55
N LEU B 197 9.44 3.63 -17.14
CA LEU B 197 10.33 2.74 -16.40
C LEU B 197 11.44 2.20 -17.30
N GLY B 198 11.09 1.76 -18.51
CA GLY B 198 12.07 1.22 -19.43
C GLY B 198 12.65 2.24 -20.38
N THR B 199 12.56 3.52 -20.00
CA THR B 199 13.01 4.61 -20.86
C THR B 199 13.79 5.63 -20.05
N GLN B 200 13.17 6.17 -19.01
CA GLN B 200 13.84 7.16 -18.16
C GLN B 200 15.00 6.50 -17.43
N THR B 201 16.14 7.19 -17.42
CA THR B 201 17.29 6.75 -16.63
C THR B 201 17.05 7.13 -15.17
N TYR B 202 17.25 6.17 -14.27
CA TYR B 202 17.16 6.43 -12.84
C TYR B 202 18.47 6.05 -12.17
N ILE B 203 19.12 7.04 -11.55
CA ILE B 203 20.41 6.85 -10.90
C ILE B 203 20.29 7.49 -9.53
N CYS B 204 20.54 6.71 -8.49
CA CYS B 204 20.59 7.26 -7.15
C CYS B 204 22.02 7.62 -6.82
N ASN B 205 22.23 8.87 -6.41
CA ASN B 205 23.56 9.37 -6.07
C ASN B 205 23.69 9.30 -4.56
N VAL B 206 24.48 8.35 -4.07
CA VAL B 206 24.68 8.12 -2.65
C VAL B 206 26.01 8.77 -2.27
N ASN B 207 26.00 9.64 -1.27
CA ASN B 207 27.23 10.23 -0.76
C ASN B 207 27.41 9.84 0.70
N HIS B 208 28.53 9.20 1.01
CA HIS B 208 28.91 8.85 2.38
C HIS B 208 30.23 9.59 2.66
N LYS B 209 30.13 10.87 2.98
CA LYS B 209 31.32 11.66 3.24
C LYS B 209 32.22 11.05 4.31
N PRO B 210 31.71 10.49 5.41
CA PRO B 210 32.62 10.03 6.47
C PRO B 210 33.60 8.96 6.02
N SER B 211 33.33 8.24 4.92
CA SER B 211 34.26 7.26 4.37
C SER B 211 34.81 7.66 3.00
N ASN B 212 34.61 8.92 2.60
CA ASN B 212 35.12 9.46 1.35
C ASN B 212 34.64 8.65 0.14
N THR B 213 33.36 8.27 0.14
CA THR B 213 32.82 7.37 -0.86
C THR B 213 31.53 7.92 -1.43
N LYS B 214 31.41 7.87 -2.75
CA LYS B 214 30.16 8.19 -3.43
C LYS B 214 29.88 7.10 -4.45
N VAL B 215 28.60 6.79 -4.61
CA VAL B 215 28.15 5.75 -5.52
C VAL B 215 26.98 6.31 -6.33
N ASP B 216 27.07 6.16 -7.66
CA ASP B 216 25.98 6.50 -8.57
C ASP B 216 25.46 5.17 -9.13
N LYS B 217 24.36 4.69 -8.57
CA LYS B 217 23.84 3.36 -8.89
C LYS B 217 22.65 3.48 -9.84
N LYS B 218 22.74 2.82 -10.99
CA LYS B 218 21.66 2.82 -11.97
C LYS B 218 20.59 1.83 -11.53
N VAL B 219 19.34 2.27 -11.54
CA VAL B 219 18.21 1.43 -11.14
C VAL B 219 17.41 1.12 -12.39
N GLU B 220 17.41 -0.16 -12.78
CA GLU B 220 16.81 -0.62 -14.03
C GLU B 220 15.55 -1.44 -13.77
N PRO B 221 14.66 -1.53 -14.75
CA PRO B 221 13.47 -2.38 -14.59
C PRO B 221 13.87 -3.84 -14.42
N LYS B 222 13.13 -4.53 -13.55
CA LYS B 222 13.50 -5.89 -13.14
C LYS B 222 13.57 -6.83 -14.33
N SER B 223 14.73 -7.47 -14.50
CA SER B 223 14.96 -8.43 -15.56
C SER B 223 14.04 -9.64 -15.41
N TYR C 2 -13.40 -30.05 -35.24
CA TYR C 2 -14.71 -30.59 -34.88
C TYR C 2 -15.53 -29.55 -34.14
N GLU C 3 -16.84 -29.51 -34.43
CA GLU C 3 -17.71 -28.49 -33.89
C GLU C 3 -18.98 -29.11 -33.31
N LEU C 4 -19.49 -28.49 -32.25
CA LEU C 4 -20.76 -28.86 -31.64
C LEU C 4 -21.65 -27.63 -31.62
N THR C 5 -22.87 -27.77 -32.11
CA THR C 5 -23.77 -26.64 -32.30
C THR C 5 -24.92 -26.74 -31.30
N GLN C 6 -24.97 -25.80 -30.37
CA GLN C 6 -26.10 -25.60 -29.50
C GLN C 6 -26.83 -24.31 -29.86
N PRO C 7 -28.10 -24.17 -29.47
CA PRO C 7 -28.79 -22.88 -29.64
C PRO C 7 -28.29 -21.87 -28.62
N PRO C 8 -28.05 -20.63 -29.03
CA PRO C 8 -27.56 -19.64 -28.06
C PRO C 8 -28.43 -19.54 -26.81
N SER C 9 -29.73 -19.76 -26.94
CA SER C 9 -30.64 -19.45 -25.84
C SER C 9 -31.89 -20.30 -25.97
N VAL C 10 -32.48 -20.61 -24.82
CA VAL C 10 -33.73 -21.36 -24.75
C VAL C 10 -34.53 -20.78 -23.60
N SER C 11 -35.80 -20.46 -23.84
CA SER C 11 -36.65 -19.86 -22.83
C SER C 11 -37.90 -20.72 -22.67
N VAL C 12 -38.39 -20.80 -21.43
CA VAL C 12 -39.50 -21.67 -21.08
C VAL C 12 -40.19 -21.11 -19.85
N SER C 13 -41.48 -21.39 -19.71
CA SER C 13 -42.24 -21.01 -18.53
C SER C 13 -42.15 -22.07 -17.45
N PRO C 14 -42.47 -21.73 -16.21
CA PRO C 14 -42.27 -22.68 -15.12
C PRO C 14 -43.17 -23.89 -15.27
N GLY C 15 -42.59 -25.08 -15.16
CA GLY C 15 -43.30 -26.32 -15.28
C GLY C 15 -43.24 -26.94 -16.66
N GLN C 16 -43.03 -26.14 -17.70
CA GLN C 16 -42.81 -26.68 -19.03
C GLN C 16 -41.44 -27.35 -19.12
N THR C 17 -41.26 -28.14 -20.16
CA THR C 17 -40.03 -28.90 -20.35
C THR C 17 -39.14 -28.17 -21.36
N ALA C 18 -37.92 -27.87 -20.94
CA ALA C 18 -36.93 -27.29 -21.82
C ALA C 18 -36.13 -28.41 -22.50
N SER C 19 -35.74 -28.15 -23.75
CA SER C 19 -34.89 -29.08 -24.48
C SER C 19 -33.75 -28.32 -25.14
N ILE C 20 -32.54 -28.80 -24.95
CA ILE C 20 -31.33 -28.22 -25.53
C ILE C 20 -30.70 -29.24 -26.47
N THR C 21 -30.59 -28.89 -27.75
CA THR C 21 -29.99 -29.76 -28.73
C THR C 21 -28.52 -29.42 -28.91
N CYS C 22 -27.75 -30.40 -29.37
CA CYS C 22 -26.32 -30.25 -29.63
C CYS C 22 -25.97 -31.22 -30.73
N SER C 23 -25.44 -30.70 -31.84
CA SER C 23 -25.25 -31.50 -33.03
C SER C 23 -23.82 -31.39 -33.55
N GLY C 24 -23.31 -32.51 -34.07
CA GLY C 24 -22.01 -32.52 -34.72
C GLY C 24 -21.90 -33.73 -35.60
N ASP C 25 -20.94 -33.68 -36.53
CA ASP C 25 -20.67 -34.81 -37.40
C ASP C 25 -20.35 -36.04 -36.56
N LYS C 26 -20.99 -37.16 -36.88
CA LYS C 26 -20.71 -38.44 -36.23
C LYS C 26 -20.95 -38.39 -34.72
N LEU C 27 -21.80 -37.48 -34.24
CA LEU C 27 -22.01 -37.38 -32.79
C LEU C 27 -22.70 -38.63 -32.23
N GLY C 28 -23.38 -39.40 -33.06
CA GLY C 28 -24.02 -40.61 -32.57
C GLY C 28 -23.03 -41.62 -32.03
N ASP C 29 -21.86 -41.71 -32.65
CA ASP C 29 -20.82 -42.63 -32.21
C ASP C 29 -20.01 -42.11 -31.02
N LYS C 30 -20.37 -40.94 -30.49
CA LYS C 30 -19.67 -40.32 -29.38
C LYS C 30 -20.53 -40.33 -28.12
N PHE C 31 -19.89 -40.03 -26.99
CA PHE C 31 -20.57 -39.93 -25.71
C PHE C 31 -20.68 -38.47 -25.32
N ALA C 32 -21.90 -38.00 -25.11
CA ALA C 32 -22.16 -36.59 -24.82
C ALA C 32 -22.28 -36.39 -23.31
N CYS C 33 -21.81 -35.24 -22.85
CA CYS C 33 -21.92 -34.84 -21.46
C CYS C 33 -22.50 -33.43 -21.44
N TRP C 34 -23.22 -33.11 -20.36
CA TRP C 34 -23.80 -31.79 -20.18
C TRP C 34 -23.38 -31.20 -18.84
N TYR C 35 -23.10 -29.90 -18.83
CA TYR C 35 -22.72 -29.17 -17.63
C TYR C 35 -23.66 -28.00 -17.42
N GLN C 36 -24.01 -27.75 -16.15
CA GLN C 36 -24.77 -26.59 -15.74
C GLN C 36 -23.82 -25.59 -15.10
N GLN C 37 -24.02 -24.30 -15.37
CA GLN C 37 -23.17 -23.26 -14.80
C GLN C 37 -24.06 -22.08 -14.43
N LYS C 38 -24.18 -21.83 -13.15
CA LYS C 38 -24.87 -20.67 -12.62
C LYS C 38 -23.91 -19.49 -12.51
N PRO C 39 -24.44 -18.27 -12.38
CA PRO C 39 -23.56 -17.09 -12.34
C PRO C 39 -22.55 -17.19 -11.20
N GLY C 40 -21.29 -16.90 -11.52
CA GLY C 40 -20.25 -16.89 -10.52
C GLY C 40 -19.81 -18.24 -10.01
N GLN C 41 -20.24 -19.33 -10.65
CA GLN C 41 -19.92 -20.66 -10.18
C GLN C 41 -19.21 -21.46 -11.27
N SER C 42 -18.58 -22.54 -10.85
N SER C 42 -18.58 -22.54 -10.85
CA SER C 42 -17.93 -23.45 -11.79
CA SER C 42 -17.93 -23.45 -11.79
C SER C 42 -18.95 -24.40 -12.40
C SER C 42 -18.94 -24.41 -12.39
N PRO C 43 -18.63 -24.99 -13.55
CA PRO C 43 -19.57 -25.94 -14.16
C PRO C 43 -19.80 -27.13 -13.26
N VAL C 44 -21.02 -27.67 -13.32
CA VAL C 44 -21.44 -28.85 -12.58
C VAL C 44 -21.95 -29.87 -13.59
N LEU C 45 -21.43 -31.09 -13.50
CA LEU C 45 -21.88 -32.17 -14.37
C LEU C 45 -23.30 -32.58 -14.02
N VAL C 46 -24.19 -32.53 -15.01
CA VAL C 46 -25.57 -32.95 -14.81
C VAL C 46 -25.93 -34.22 -15.58
N ILE C 47 -25.32 -34.46 -16.74
CA ILE C 47 -25.49 -35.70 -17.51
C ILE C 47 -24.13 -36.12 -18.05
N TYR C 48 -23.87 -37.43 -18.06
CA TYR C 48 -22.62 -37.94 -18.62
C TYR C 48 -22.89 -39.24 -19.37
N GLN C 49 -22.06 -39.51 -20.37
CA GLN C 49 -22.21 -40.71 -21.20
C GLN C 49 -23.65 -40.84 -21.70
N ASP C 50 -24.09 -39.76 -22.36
CA ASP C 50 -25.38 -39.64 -23.03
C ASP C 50 -26.54 -39.50 -22.05
N THR C 51 -26.68 -40.46 -21.13
CA THR C 51 -27.91 -40.60 -20.37
C THR C 51 -27.74 -40.75 -18.87
N LYS C 52 -26.52 -40.88 -18.36
CA LYS C 52 -26.32 -41.15 -16.94
C LYS C 52 -26.41 -39.86 -16.12
N ARG C 53 -27.04 -39.97 -14.95
CA ARG C 53 -27.24 -38.84 -14.04
C ARG C 53 -26.31 -38.99 -12.85
N PRO C 54 -25.48 -37.99 -12.55
CA PRO C 54 -24.61 -38.13 -11.38
C PRO C 54 -25.39 -38.21 -10.07
N SER C 55 -24.72 -38.75 -9.07
CA SER C 55 -25.06 -38.55 -7.67
C SER C 55 -25.58 -37.14 -7.43
N GLY C 56 -26.82 -37.02 -6.96
CA GLY C 56 -27.33 -35.76 -6.44
C GLY C 56 -27.95 -34.82 -7.45
N ILE C 57 -28.02 -35.18 -8.72
CA ILE C 57 -28.65 -34.33 -9.72
C ILE C 57 -30.12 -34.71 -9.80
N PRO C 58 -31.05 -33.75 -9.73
CA PRO C 58 -32.46 -34.11 -9.64
C PRO C 58 -32.89 -34.96 -10.83
N GLU C 59 -34.01 -35.68 -10.63
CA GLU C 59 -34.52 -36.64 -11.61
C GLU C 59 -35.12 -35.98 -12.85
N ARG C 60 -35.36 -34.67 -12.84
CA ARG C 60 -35.98 -34.02 -14.00
C ARG C 60 -34.99 -33.70 -15.10
N PHE C 61 -33.70 -33.97 -14.89
CA PHE C 61 -32.69 -33.83 -15.92
C PHE C 61 -32.48 -35.17 -16.61
N SER C 62 -32.58 -35.17 -17.94
CA SER C 62 -32.41 -36.38 -18.74
C SER C 62 -31.64 -36.02 -20.00
N GLY C 63 -30.88 -36.99 -20.50
CA GLY C 63 -30.15 -36.81 -21.74
C GLY C 63 -30.47 -37.91 -22.72
N SER C 64 -30.22 -37.62 -24.00
CA SER C 64 -30.40 -38.59 -25.07
C SER C 64 -29.35 -38.30 -26.13
N ASN C 65 -28.97 -39.34 -26.86
CA ASN C 65 -28.06 -39.19 -28.00
C ASN C 65 -28.50 -40.22 -29.05
N SER C 66 -29.18 -39.74 -30.10
CA SER C 66 -29.52 -40.58 -31.23
C SER C 66 -29.24 -39.77 -32.50
N GLY C 67 -29.07 -40.49 -33.61
CA GLY C 67 -28.66 -39.83 -34.82
C GLY C 67 -27.36 -39.10 -34.60
N ASN C 68 -27.33 -37.82 -35.00
CA ASN C 68 -26.18 -36.96 -34.78
C ASN C 68 -26.53 -35.80 -33.87
N THR C 69 -27.45 -36.03 -32.93
CA THR C 69 -27.96 -34.98 -32.04
C THR C 69 -28.05 -35.52 -30.62
N ALA C 70 -27.33 -34.89 -29.72
CA ALA C 70 -27.49 -35.10 -28.28
C ALA C 70 -28.43 -34.04 -27.73
N THR C 71 -29.28 -34.44 -26.79
CA THR C 71 -30.32 -33.55 -26.27
C THR C 71 -30.37 -33.62 -24.76
N LEU C 72 -30.39 -32.45 -24.13
CA LEU C 72 -30.64 -32.33 -22.70
C LEU C 72 -32.08 -31.89 -22.53
N THR C 73 -32.79 -32.56 -21.62
CA THR C 73 -34.21 -32.32 -21.39
C THR C 73 -34.41 -32.05 -19.90
N ILE C 74 -35.00 -30.91 -19.58
CA ILE C 74 -35.33 -30.56 -18.21
C ILE C 74 -36.85 -30.58 -18.10
N SER C 75 -37.38 -31.54 -17.36
CA SER C 75 -38.81 -31.61 -17.09
C SER C 75 -39.15 -30.70 -15.92
N GLY C 76 -40.40 -30.23 -15.90
CA GLY C 76 -40.84 -29.35 -14.83
C GLY C 76 -39.80 -28.32 -14.47
N THR C 77 -39.38 -27.54 -15.44
CA THR C 77 -38.31 -26.58 -15.25
C THR C 77 -38.67 -25.58 -14.15
N GLN C 78 -37.82 -25.49 -13.14
CA GLN C 78 -37.97 -24.54 -12.06
C GLN C 78 -37.07 -23.33 -12.30
N ALA C 79 -37.30 -22.29 -11.49
CA ALA C 79 -36.44 -21.10 -11.56
C ALA C 79 -35.00 -21.43 -11.19
N MET C 80 -34.80 -22.38 -10.28
CA MET C 80 -33.45 -22.76 -9.88
C MET C 80 -32.66 -23.38 -11.02
N ASP C 81 -33.34 -23.89 -12.05
CA ASP C 81 -32.66 -24.47 -13.21
C ASP C 81 -32.18 -23.41 -14.19
N GLU C 82 -32.45 -22.13 -13.94
CA GLU C 82 -31.93 -21.06 -14.78
C GLU C 82 -30.42 -21.08 -14.74
N ALA C 83 -29.80 -21.22 -15.91
CA ALA C 83 -28.35 -21.33 -15.99
C ALA C 83 -27.88 -21.42 -17.44
N ASP C 84 -26.57 -21.46 -17.63
CA ASP C 84 -25.99 -21.80 -18.93
C ASP C 84 -25.70 -23.29 -18.96
N TYR C 85 -25.98 -23.93 -20.09
CA TYR C 85 -25.77 -25.37 -20.26
C TYR C 85 -24.84 -25.61 -21.43
N TYR C 86 -23.84 -26.46 -21.21
CA TYR C 86 -22.82 -26.75 -22.21
C TYR C 86 -22.83 -28.24 -22.51
N CYS C 87 -22.81 -28.57 -23.81
CA CYS C 87 -22.63 -29.94 -24.26
C CYS C 87 -21.15 -30.17 -24.51
N GLN C 88 -20.73 -31.42 -24.44
CA GLN C 88 -19.33 -31.76 -24.48
C GLN C 88 -19.19 -33.16 -25.06
N ALA C 89 -18.16 -33.37 -25.88
CA ALA C 89 -17.83 -34.69 -26.41
C ALA C 89 -16.33 -34.75 -26.66
N TRP C 90 -15.86 -35.95 -27.00
CA TRP C 90 -14.46 -36.16 -27.36
C TRP C 90 -14.37 -36.45 -28.84
N ASP C 91 -13.41 -35.80 -29.51
CA ASP C 91 -13.09 -36.06 -30.91
C ASP C 91 -11.61 -36.40 -30.96
N SER C 92 -11.27 -37.65 -31.31
CA SER C 92 -9.89 -38.08 -31.26
C SER C 92 -9.40 -38.01 -29.83
N SER C 93 -8.42 -37.15 -29.56
CA SER C 93 -7.95 -36.91 -28.20
C SER C 93 -8.47 -35.59 -27.63
N THR C 94 -9.19 -34.83 -28.44
CA THR C 94 -9.52 -33.44 -28.16
C THR C 94 -10.88 -33.35 -27.50
N VAL C 95 -10.99 -32.47 -26.50
CA VAL C 95 -12.26 -32.21 -25.84
C VAL C 95 -12.91 -31.02 -26.54
N VAL C 96 -14.16 -31.20 -26.96
CA VAL C 96 -14.92 -30.16 -27.64
C VAL C 96 -16.12 -29.82 -26.77
N PHE C 97 -16.34 -28.53 -26.57
CA PHE C 97 -17.54 -28.03 -25.91
C PHE C 97 -18.44 -27.38 -26.94
N GLY C 98 -19.74 -27.51 -26.74
CA GLY C 98 -20.69 -26.67 -27.44
C GLY C 98 -20.49 -25.22 -27.08
N GLY C 99 -21.15 -24.35 -27.84
CA GLY C 99 -21.07 -22.91 -27.57
C GLY C 99 -21.84 -22.46 -26.34
N GLY C 100 -22.64 -23.34 -25.77
CA GLY C 100 -23.40 -22.96 -24.59
C GLY C 100 -24.81 -22.49 -24.93
N THR C 101 -25.74 -22.81 -24.04
CA THR C 101 -27.13 -22.43 -24.19
C THR C 101 -27.59 -21.83 -22.87
N LYS C 102 -27.99 -20.57 -22.89
CA LYS C 102 -28.53 -19.94 -21.70
C LYS C 102 -30.02 -20.26 -21.59
N VAL C 103 -30.44 -20.81 -20.45
CA VAL C 103 -31.82 -21.15 -20.20
C VAL C 103 -32.44 -20.06 -19.32
N THR C 104 -33.53 -19.48 -19.79
CA THR C 104 -34.29 -18.50 -19.02
C THR C 104 -35.65 -19.09 -18.67
N VAL C 105 -36.05 -18.95 -17.41
CA VAL C 105 -37.38 -19.34 -16.96
C VAL C 105 -38.23 -18.08 -16.91
N LEU C 106 -39.23 -17.99 -17.76
CA LEU C 106 -40.06 -16.80 -17.87
C LEU C 106 -41.18 -16.81 -16.84
N GLY C 107 -41.87 -15.68 -16.72
CA GLY C 107 -43.02 -15.55 -15.84
C GLY C 107 -42.70 -15.48 -14.36
N GLN C 108 -41.45 -15.24 -13.99
CA GLN C 108 -41.11 -15.21 -12.58
C GLN C 108 -41.67 -13.96 -11.92
N PRO C 109 -41.98 -14.03 -10.63
CA PRO C 109 -42.65 -12.90 -9.97
C PRO C 109 -41.72 -11.71 -9.80
N LYS C 110 -42.33 -10.53 -9.77
CA LYS C 110 -41.56 -9.32 -9.51
C LYS C 110 -41.09 -9.30 -8.05
N ALA C 111 -40.04 -8.53 -7.80
CA ALA C 111 -39.47 -8.42 -6.47
C ALA C 111 -38.82 -7.04 -6.35
N ALA C 112 -39.27 -6.23 -5.39
CA ALA C 112 -38.78 -4.88 -5.28
C ALA C 112 -37.33 -4.87 -4.77
N PRO C 113 -36.54 -3.88 -5.18
CA PRO C 113 -35.17 -3.83 -4.70
C PRO C 113 -35.09 -3.34 -3.26
N SER C 114 -34.08 -3.84 -2.55
CA SER C 114 -33.62 -3.23 -1.31
C SER C 114 -32.45 -2.30 -1.62
N VAL C 115 -32.47 -1.10 -1.04
CA VAL C 115 -31.51 -0.05 -1.37
C VAL C 115 -30.81 0.39 -0.09
N THR C 116 -29.49 0.49 -0.15
CA THR C 116 -28.69 0.97 0.98
C THR C 116 -27.73 2.02 0.46
N LEU C 117 -27.75 3.21 1.05
CA LEU C 117 -26.90 4.32 0.65
C LEU C 117 -25.94 4.65 1.79
N PHE C 118 -24.64 4.69 1.48
CA PHE C 118 -23.58 4.99 2.43
C PHE C 118 -22.93 6.33 2.08
N PRO C 119 -22.72 7.23 3.05
CA PRO C 119 -21.97 8.48 2.76
C PRO C 119 -20.48 8.22 2.73
N PRO C 120 -19.68 9.22 2.36
CA PRO C 120 -18.22 9.06 2.44
C PRO C 120 -17.77 8.76 3.86
N SER C 121 -16.72 7.96 3.97
CA SER C 121 -16.10 7.69 5.27
C SER C 121 -15.23 8.87 5.68
N SER C 122 -15.02 9.01 6.98
CA SER C 122 -14.12 10.07 7.44
C SER C 122 -12.70 9.85 6.95
N GLU C 123 -12.28 8.58 6.83
CA GLU C 123 -10.94 8.28 6.36
C GLU C 123 -10.76 8.68 4.90
N GLU C 124 -11.79 8.49 4.08
CA GLU C 124 -11.69 8.91 2.68
C GLU C 124 -11.67 10.43 2.57
N LEU C 125 -12.50 11.12 3.34
CA LEU C 125 -12.51 12.58 3.28
C LEU C 125 -11.14 13.14 3.64
N GLN C 126 -10.48 12.54 4.64
CA GLN C 126 -9.15 13.00 5.04
C GLN C 126 -8.10 12.72 3.98
N ALA C 127 -8.35 11.79 3.08
CA ALA C 127 -7.52 11.58 1.91
C ALA C 127 -7.93 12.46 0.75
N ASN C 128 -8.78 13.46 1.00
CA ASN C 128 -9.22 14.40 -0.03
C ASN C 128 -9.95 13.70 -1.16
N LYS C 129 -10.76 12.70 -0.81
CA LYS C 129 -11.65 12.02 -1.72
C LYS C 129 -13.02 11.87 -1.07
N ALA C 130 -14.01 11.51 -1.87
CA ALA C 130 -15.36 11.37 -1.35
C ALA C 130 -16.16 10.51 -2.32
N THR C 131 -16.68 9.38 -1.85
CA THR C 131 -17.51 8.49 -2.65
C THR C 131 -18.80 8.17 -1.92
N LEU C 132 -19.92 8.34 -2.60
CA LEU C 132 -21.21 7.86 -2.10
C LEU C 132 -21.50 6.53 -2.78
N VAL C 133 -22.04 5.59 -2.00
CA VAL C 133 -22.23 4.22 -2.46
C VAL C 133 -23.70 3.87 -2.32
N CYS C 134 -24.34 3.59 -3.45
CA CYS C 134 -25.72 3.12 -3.50
C CYS C 134 -25.78 1.65 -3.95
N LEU C 135 -26.25 0.79 -3.05
CA LEU C 135 -26.28 -0.66 -3.28
C LEU C 135 -27.73 -1.12 -3.43
N VAL C 136 -28.03 -1.82 -4.52
CA VAL C 136 -29.39 -2.24 -4.87
C VAL C 136 -29.37 -3.75 -5.04
N SER C 137 -30.22 -4.46 -4.30
CA SER C 137 -30.18 -5.92 -4.32
C SER C 137 -31.57 -6.54 -4.28
N ASP C 138 -31.63 -7.79 -4.71
CA ASP C 138 -32.83 -8.62 -4.51
C ASP C 138 -34.03 -8.13 -5.32
N PHE C 139 -33.79 -7.71 -6.56
CA PHE C 139 -34.88 -7.24 -7.40
C PHE C 139 -35.01 -8.11 -8.64
N TYR C 140 -36.22 -8.09 -9.22
CA TYR C 140 -36.55 -8.85 -10.42
C TYR C 140 -37.77 -8.22 -11.06
N PRO C 141 -37.80 -8.02 -12.39
CA PRO C 141 -36.76 -8.39 -13.36
C PRO C 141 -35.52 -7.52 -13.22
N GLY C 142 -34.48 -7.87 -13.98
CA GLY C 142 -33.18 -7.23 -13.86
C GLY C 142 -33.08 -5.96 -14.68
N ALA C 143 -34.01 -5.04 -14.45
CA ALA C 143 -33.99 -3.74 -15.10
C ALA C 143 -34.30 -2.69 -14.04
N VAL C 144 -33.35 -1.79 -13.79
CA VAL C 144 -33.55 -0.67 -12.87
C VAL C 144 -33.01 0.59 -13.53
N THR C 145 -33.41 1.73 -12.97
CA THR C 145 -32.75 3.00 -13.24
C THR C 145 -32.28 3.55 -11.91
N VAL C 146 -31.04 4.02 -11.87
CA VAL C 146 -30.47 4.66 -10.68
C VAL C 146 -30.15 6.11 -11.02
N ALA C 147 -30.66 7.04 -10.22
CA ALA C 147 -30.42 8.47 -10.43
C ALA C 147 -29.90 9.08 -9.13
N TRP C 148 -29.11 10.12 -9.28
CA TRP C 148 -28.58 10.82 -8.12
C TRP C 148 -29.06 12.26 -8.09
N LYS C 149 -29.17 12.81 -6.90
CA LYS C 149 -29.42 14.23 -6.74
C LYS C 149 -28.51 14.84 -5.69
N ALA C 150 -28.13 16.11 -5.91
CA ALA C 150 -27.38 16.92 -4.95
C ALA C 150 -28.38 17.97 -4.46
N ASP C 151 -28.71 17.92 -3.17
CA ASP C 151 -29.83 18.72 -2.65
C ASP C 151 -31.05 18.32 -3.46
N GLY C 152 -31.66 19.28 -4.15
CA GLY C 152 -32.88 19.01 -4.89
C GLY C 152 -32.78 18.91 -6.40
N SER C 153 -31.59 18.80 -6.96
CA SER C 153 -31.44 18.76 -8.40
C SER C 153 -30.69 17.51 -8.82
N PRO C 154 -31.02 16.95 -9.98
CA PRO C 154 -30.28 15.77 -10.46
C PRO C 154 -28.83 16.08 -10.80
N VAL C 155 -27.99 15.06 -10.66
CA VAL C 155 -26.58 15.16 -10.97
C VAL C 155 -26.19 13.91 -11.74
N LYS C 156 -25.52 14.09 -12.87
CA LYS C 156 -25.02 12.96 -13.64
C LYS C 156 -23.50 12.89 -13.72
N VAL C 157 -22.79 13.98 -13.45
CA VAL C 157 -21.33 13.94 -13.48
C VAL C 157 -20.81 13.17 -12.27
N GLY C 158 -19.82 12.30 -12.49
CA GLY C 158 -19.20 11.56 -11.41
C GLY C 158 -19.90 10.28 -11.03
N VAL C 159 -20.88 9.86 -11.81
CA VAL C 159 -21.69 8.68 -11.49
C VAL C 159 -21.20 7.50 -12.31
N GLU C 160 -20.98 6.36 -11.65
CA GLU C 160 -20.60 5.10 -12.28
C GLU C 160 -21.54 4.00 -11.78
N THR C 161 -22.32 3.44 -12.69
CA THR C 161 -23.35 2.48 -12.33
C THR C 161 -23.13 1.18 -13.08
N THR C 162 -23.30 0.05 -12.38
CA THR C 162 -23.13 -1.25 -13.01
C THR C 162 -24.40 -1.66 -13.73
N LYS C 163 -24.24 -2.53 -14.71
CA LYS C 163 -25.37 -3.26 -15.28
C LYS C 163 -25.87 -4.26 -14.23
N PRO C 164 -27.18 -4.49 -14.15
CA PRO C 164 -27.67 -5.49 -13.20
C PRO C 164 -27.07 -6.86 -13.49
N SER C 165 -26.82 -7.63 -12.42
CA SER C 165 -26.22 -8.95 -12.54
C SER C 165 -26.97 -9.97 -11.69
N LYS C 166 -27.09 -11.20 -12.18
CA LYS C 166 -27.90 -12.20 -11.50
C LYS C 166 -27.22 -12.71 -10.24
N GLN C 167 -28.01 -12.90 -9.19
CA GLN C 167 -27.53 -13.25 -7.87
C GLN C 167 -27.62 -14.76 -7.65
N SER C 168 -27.35 -15.18 -6.41
CA SER C 168 -27.60 -16.56 -6.00
C SER C 168 -29.01 -16.99 -6.35
N ASN C 169 -30.01 -16.22 -5.91
CA ASN C 169 -31.40 -16.64 -5.89
C ASN C 169 -32.18 -16.22 -7.12
N ASN C 170 -31.52 -16.13 -8.28
CA ASN C 170 -32.13 -15.73 -9.54
C ASN C 170 -32.56 -14.27 -9.58
N LYS C 171 -32.31 -13.49 -8.53
CA LYS C 171 -32.62 -12.07 -8.54
C LYS C 171 -31.36 -11.31 -8.91
N TYR C 172 -31.47 -9.98 -8.94
CA TYR C 172 -30.44 -9.13 -9.52
C TYR C 172 -29.86 -8.15 -8.50
N ALA C 173 -28.60 -7.79 -8.71
CA ALA C 173 -27.92 -6.81 -7.88
C ALA C 173 -27.28 -5.77 -8.78
N ALA C 174 -27.15 -4.55 -8.26
CA ALA C 174 -26.52 -3.47 -9.01
C ALA C 174 -25.99 -2.45 -8.00
N SER C 175 -25.02 -1.65 -8.44
N SER C 175 -25.01 -1.67 -8.46
CA SER C 175 -24.40 -0.66 -7.58
CA SER C 175 -24.33 -0.68 -7.63
C SER C 175 -24.11 0.60 -8.38
C SER C 175 -24.16 0.61 -8.41
N SER C 176 -24.19 1.74 -7.69
CA SER C 176 -23.89 3.03 -8.29
C SER C 176 -22.99 3.82 -7.35
N TYR C 177 -21.98 4.50 -7.92
CA TYR C 177 -20.99 5.27 -7.17
C TYR C 177 -20.98 6.71 -7.65
N LEU C 178 -21.09 7.65 -6.73
CA LEU C 178 -21.02 9.06 -7.05
C LEU C 178 -19.75 9.62 -6.44
N SER C 179 -18.85 10.11 -7.28
CA SER C 179 -17.55 10.59 -6.84
C SER C 179 -17.64 12.09 -6.68
N LEU C 180 -17.24 12.58 -5.50
CA LEU C 180 -17.30 13.99 -5.18
C LEU C 180 -15.94 14.49 -4.68
N THR C 181 -15.79 15.84 -4.64
CA THR C 181 -14.74 16.39 -3.82
C THR C 181 -15.26 16.50 -2.38
N PRO C 182 -14.38 16.47 -1.39
CA PRO C 182 -14.84 16.79 -0.03
C PRO C 182 -15.54 18.13 0.08
N GLU C 183 -15.05 19.13 -0.66
CA GLU C 183 -15.70 20.44 -0.68
C GLU C 183 -17.15 20.32 -1.15
N GLN C 184 -17.39 19.54 -2.21
CA GLN C 184 -18.75 19.37 -2.70
C GLN C 184 -19.63 18.69 -1.66
N TRP C 185 -19.16 17.57 -1.12
CA TRP C 185 -19.90 16.86 -0.06
C TRP C 185 -20.27 17.81 1.08
N LYS C 186 -19.30 18.57 1.58
CA LYS C 186 -19.56 19.37 2.76
C LYS C 186 -20.47 20.56 2.48
N SER C 187 -20.58 20.99 1.23
CA SER C 187 -21.27 22.23 0.92
C SER C 187 -22.71 22.02 0.46
N HIS C 188 -23.21 20.79 0.46
CA HIS C 188 -24.60 20.51 0.18
C HIS C 188 -25.27 20.07 1.46
N ARG C 189 -26.58 20.28 1.55
CA ARG C 189 -27.32 19.77 2.69
C ARG C 189 -27.53 18.26 2.60
N SER C 190 -27.66 17.72 1.39
CA SER C 190 -27.89 16.29 1.27
C SER C 190 -27.61 15.83 -0.17
N TYR C 191 -27.38 14.52 -0.30
CA TYR C 191 -27.36 13.82 -1.57
C TYR C 191 -28.35 12.67 -1.45
N SER C 192 -28.93 12.27 -2.59
CA SER C 192 -29.90 11.19 -2.61
C SER C 192 -29.60 10.24 -3.75
N CYS C 193 -29.98 8.97 -3.55
CA CYS C 193 -29.93 7.93 -4.57
C CYS C 193 -31.37 7.50 -4.83
N ARG C 194 -31.79 7.55 -6.08
CA ARG C 194 -33.16 7.23 -6.47
C ARG C 194 -33.13 6.00 -7.36
N VAL C 195 -33.88 4.95 -6.96
CA VAL C 195 -33.88 3.65 -7.63
C VAL C 195 -35.28 3.38 -8.13
N THR C 196 -35.46 3.34 -9.45
CA THR C 196 -36.75 3.07 -10.07
C THR C 196 -36.79 1.64 -10.58
N HIS C 197 -37.88 0.95 -10.28
CA HIS C 197 -38.03 -0.46 -10.62
C HIS C 197 -39.50 -0.75 -10.85
N GLU C 198 -39.85 -1.11 -12.08
CA GLU C 198 -41.23 -1.45 -12.45
C GLU C 198 -42.20 -0.34 -12.06
N GLY C 199 -41.86 0.88 -12.44
CA GLY C 199 -42.72 2.03 -12.23
C GLY C 199 -42.78 2.58 -10.82
N SER C 200 -42.12 1.94 -9.86
CA SER C 200 -42.07 2.42 -8.49
C SER C 200 -40.64 2.84 -8.13
N THR C 201 -40.51 3.75 -7.18
CA THR C 201 -39.21 4.34 -6.87
C THR C 201 -38.96 4.32 -5.38
N VAL C 202 -37.71 4.04 -5.01
CA VAL C 202 -37.21 4.15 -3.64
C VAL C 202 -36.08 5.17 -3.64
N GLU C 203 -36.17 6.16 -2.76
CA GLU C 203 -35.13 7.17 -2.64
C GLU C 203 -34.56 7.15 -1.24
N LYS C 204 -33.23 7.06 -1.14
CA LYS C 204 -32.55 7.18 0.15
C LYS C 204 -31.61 8.39 0.11
N THR C 205 -31.49 9.04 1.25
CA THR C 205 -30.81 10.32 1.35
C THR C 205 -29.79 10.27 2.47
N VAL C 206 -28.65 10.95 2.26
CA VAL C 206 -27.61 11.10 3.25
C VAL C 206 -27.23 12.57 3.31
N ALA C 207 -26.68 12.98 4.46
CA ALA C 207 -26.35 14.39 4.68
C ALA C 207 -25.07 14.48 5.50
N PRO C 208 -24.17 15.44 5.19
CA PRO C 208 -22.92 15.53 5.96
C PRO C 208 -23.17 15.75 7.45
N GLU D 1 -14.75 -33.68 0.15
CA GLU D 1 -13.53 -34.53 0.15
C GLU D 1 -12.57 -34.07 -0.95
N VAL D 2 -12.99 -34.29 -2.19
CA VAL D 2 -12.19 -33.92 -3.36
C VAL D 2 -12.16 -32.40 -3.51
N HIS D 3 -10.96 -31.84 -3.55
CA HIS D 3 -10.79 -30.41 -3.77
C HIS D 3 -9.76 -30.18 -4.86
N LEU D 4 -10.02 -29.15 -5.68
CA LEU D 4 -9.09 -28.66 -6.68
C LEU D 4 -9.02 -27.15 -6.53
N VAL D 5 -7.82 -26.61 -6.31
CA VAL D 5 -7.62 -25.21 -6.00
C VAL D 5 -6.58 -24.67 -6.98
N GLU D 6 -7.01 -23.83 -7.92
CA GLU D 6 -6.10 -23.19 -8.85
C GLU D 6 -5.50 -21.94 -8.23
N SER D 7 -4.30 -21.58 -8.69
CA SER D 7 -3.67 -20.33 -8.27
C SER D 7 -2.65 -19.93 -9.34
N GLY D 8 -2.27 -18.65 -9.29
CA GLY D 8 -1.28 -18.08 -10.17
C GLY D 8 -1.82 -17.04 -11.12
N GLY D 9 -3.14 -16.89 -11.20
CA GLY D 9 -3.70 -15.89 -12.09
C GLY D 9 -3.33 -14.49 -11.67
N GLY D 10 -3.54 -13.56 -12.59
CA GLY D 10 -3.16 -12.18 -12.35
C GLY D 10 -2.92 -11.48 -13.67
N LEU D 11 -2.29 -10.32 -13.59
CA LEU D 11 -2.00 -9.51 -14.76
C LEU D 11 -0.70 -9.97 -15.42
N VAL D 12 -0.74 -10.10 -16.75
CA VAL D 12 0.43 -10.40 -17.55
C VAL D 12 0.40 -9.49 -18.77
N LYS D 13 1.54 -9.00 -19.17
CA LYS D 13 1.56 -8.17 -20.36
C LYS D 13 1.50 -9.03 -21.62
N PRO D 14 0.89 -8.51 -22.70
CA PRO D 14 0.91 -9.25 -23.96
C PRO D 14 2.32 -9.69 -24.29
N GLY D 15 2.45 -10.92 -24.81
CA GLY D 15 3.73 -11.51 -25.08
C GLY D 15 4.42 -12.05 -23.84
N GLY D 16 3.85 -11.87 -22.66
CA GLY D 16 4.48 -12.32 -21.44
C GLY D 16 4.14 -13.77 -21.10
N SER D 17 4.62 -14.18 -19.93
CA SER D 17 4.48 -15.56 -19.47
C SER D 17 3.87 -15.55 -18.08
N LEU D 18 3.29 -16.70 -17.72
CA LEU D 18 2.65 -16.90 -16.43
C LEU D 18 2.50 -18.40 -16.22
N ARG D 19 2.69 -18.84 -14.97
CA ARG D 19 2.57 -20.26 -14.64
C ARG D 19 1.42 -20.43 -13.66
N LEU D 20 0.43 -21.23 -14.05
CA LEU D 20 -0.69 -21.58 -13.18
C LEU D 20 -0.40 -22.91 -12.50
N SER D 21 -0.97 -23.07 -11.30
CA SER D 21 -0.88 -24.31 -10.55
C SER D 21 -2.25 -24.70 -10.04
N CYS D 22 -2.43 -25.99 -9.77
CA CYS D 22 -3.68 -26.48 -9.18
C CYS D 22 -3.32 -27.56 -8.18
N ALA D 23 -3.79 -27.38 -6.94
CA ALA D 23 -3.50 -28.28 -5.85
C ALA D 23 -4.69 -29.19 -5.65
N ALA D 24 -4.44 -30.50 -5.65
CA ALA D 24 -5.48 -31.50 -5.53
C ALA D 24 -5.41 -32.18 -4.17
N SER D 25 -6.58 -32.55 -3.66
CA SER D 25 -6.67 -33.32 -2.42
C SER D 25 -7.93 -34.15 -2.45
N GLY D 26 -7.98 -35.16 -1.59
CA GLY D 26 -9.16 -35.97 -1.43
C GLY D 26 -9.35 -37.06 -2.46
N PHE D 27 -8.33 -37.39 -3.25
CA PHE D 27 -8.39 -38.51 -4.17
C PHE D 27 -6.98 -38.85 -4.60
N THR D 28 -6.83 -40.03 -5.21
CA THR D 28 -5.52 -40.50 -5.68
C THR D 28 -5.20 -39.75 -6.96
N PHE D 29 -4.59 -38.58 -6.79
CA PHE D 29 -4.21 -37.73 -7.92
C PHE D 29 -3.40 -38.52 -8.95
N SER D 30 -2.51 -39.38 -8.49
CA SER D 30 -1.63 -40.14 -9.38
C SER D 30 -2.37 -41.10 -10.31
N SER D 31 -3.69 -41.23 -10.18
CA SER D 31 -4.42 -42.22 -10.97
C SER D 31 -5.29 -41.59 -12.05
N TYR D 32 -5.35 -40.26 -12.13
CA TYR D 32 -6.36 -39.59 -12.95
C TYR D 32 -5.71 -38.72 -14.02
N THR D 33 -6.33 -38.71 -15.19
CA THR D 33 -6.04 -37.72 -16.21
C THR D 33 -6.60 -36.39 -15.75
N MET D 34 -5.79 -35.34 -15.89
CA MET D 34 -6.14 -34.00 -15.44
C MET D 34 -6.14 -33.06 -16.63
N ASN D 35 -6.97 -32.03 -16.56
CA ASN D 35 -7.18 -31.14 -17.69
C ASN D 35 -7.22 -29.69 -17.21
N TRP D 36 -6.93 -28.80 -18.15
CA TRP D 36 -7.19 -27.37 -17.99
C TRP D 36 -8.31 -26.97 -18.96
N VAL D 37 -9.25 -26.19 -18.45
CA VAL D 37 -10.35 -25.65 -19.23
C VAL D 37 -10.40 -24.16 -18.89
N ARG D 38 -10.70 -23.32 -19.87
CA ARG D 38 -10.73 -21.88 -19.62
C ARG D 38 -12.04 -21.28 -20.13
N GLN D 39 -12.34 -20.08 -19.65
CA GLN D 39 -13.61 -19.42 -19.95
C GLN D 39 -13.35 -17.92 -19.92
N ALA D 40 -13.38 -17.29 -21.09
CA ALA D 40 -13.26 -15.84 -21.14
C ALA D 40 -14.51 -15.21 -20.54
N PRO D 41 -14.36 -14.05 -19.88
CA PRO D 41 -15.53 -13.40 -19.27
C PRO D 41 -16.68 -13.28 -20.26
N GLY D 42 -17.86 -13.72 -19.81
CA GLY D 42 -19.06 -13.66 -20.60
C GLY D 42 -19.17 -14.67 -21.74
N LYS D 43 -18.17 -15.53 -21.91
CA LYS D 43 -18.14 -16.46 -23.03
C LYS D 43 -18.23 -17.90 -22.51
N GLY D 44 -17.90 -18.85 -23.38
CA GLY D 44 -18.14 -20.25 -23.10
C GLY D 44 -16.88 -21.00 -22.69
N LEU D 45 -17.08 -22.24 -22.28
CA LEU D 45 -15.98 -23.11 -21.90
C LEU D 45 -15.16 -23.48 -23.13
N GLU D 46 -13.85 -23.56 -22.95
CA GLU D 46 -12.92 -23.94 -24.01
C GLU D 46 -11.85 -24.83 -23.38
N TRP D 47 -11.72 -26.05 -23.89
CA TRP D 47 -10.68 -26.95 -23.41
C TRP D 47 -9.31 -26.44 -23.82
N VAL D 48 -8.35 -26.62 -22.91
CA VAL D 48 -6.98 -26.14 -23.11
C VAL D 48 -6.01 -27.32 -23.28
N SER D 49 -5.95 -28.21 -22.30
CA SER D 49 -4.90 -29.22 -22.29
C SER D 49 -5.32 -30.39 -21.40
N SER D 50 -4.77 -31.56 -21.69
CA SER D 50 -4.95 -32.73 -20.85
C SER D 50 -3.61 -33.42 -20.67
N ILE D 51 -3.42 -34.03 -19.51
CA ILE D 51 -2.20 -34.77 -19.21
C ILE D 51 -2.61 -36.05 -18.47
N SER D 52 -2.13 -37.19 -18.97
CA SER D 52 -2.45 -38.48 -18.36
C SER D 52 -1.68 -38.68 -17.06
N SER D 53 -2.12 -39.68 -16.30
CA SER D 53 -1.59 -39.95 -14.97
C SER D 53 -0.08 -40.02 -14.98
N SER D 54 0.50 -40.73 -15.95
CA SER D 54 1.94 -40.89 -16.06
C SER D 54 2.61 -39.79 -16.87
N SER D 55 1.86 -38.80 -17.31
CA SER D 55 2.33 -37.73 -18.19
C SER D 55 2.75 -38.24 -19.56
N THR D 56 2.48 -39.52 -19.87
CA THR D 56 2.83 -40.05 -21.18
C THR D 56 2.00 -39.43 -22.27
N TYR D 57 0.70 -39.20 -22.02
CA TYR D 57 -0.22 -38.74 -23.05
C TYR D 57 -0.63 -37.31 -22.74
N ILE D 58 -0.11 -36.39 -23.54
CA ILE D 58 -0.35 -34.96 -23.38
C ILE D 58 -0.96 -34.44 -24.66
N TYR D 59 -2.05 -33.66 -24.53
CA TYR D 59 -2.73 -33.09 -25.67
C TYR D 59 -3.04 -31.62 -25.40
N TYR D 60 -3.10 -30.83 -26.48
CA TYR D 60 -3.36 -29.40 -26.40
C TYR D 60 -4.43 -28.99 -27.41
N ALA D 61 -5.18 -27.94 -27.07
CA ALA D 61 -6.04 -27.34 -28.06
C ALA D 61 -5.18 -26.64 -29.12
N ASP D 62 -5.69 -26.59 -30.36
CA ASP D 62 -4.98 -25.90 -31.42
C ASP D 62 -4.69 -24.45 -31.04
N SER D 63 -5.53 -23.88 -30.17
CA SER D 63 -5.46 -22.48 -29.76
C SER D 63 -4.18 -22.14 -29.01
N VAL D 64 -3.58 -23.12 -28.35
CA VAL D 64 -2.50 -22.87 -27.41
C VAL D 64 -1.26 -23.70 -27.71
N ARG D 65 -1.33 -24.63 -28.67
CA ARG D 65 -0.22 -25.52 -28.92
C ARG D 65 1.02 -24.74 -29.35
N GLY D 66 2.14 -25.08 -28.72
CA GLY D 66 3.40 -24.41 -28.97
C GLY D 66 3.63 -23.22 -28.08
N ARG D 67 2.60 -22.76 -27.38
CA ARG D 67 2.73 -21.68 -26.40
C ARG D 67 2.57 -22.13 -24.95
N PHE D 68 1.75 -23.16 -24.71
CA PHE D 68 1.42 -23.62 -23.37
C PHE D 68 2.12 -24.95 -23.13
N THR D 69 2.43 -25.24 -21.87
CA THR D 69 3.00 -26.53 -21.51
C THR D 69 2.35 -26.99 -20.22
N ILE D 70 1.69 -28.14 -20.28
CA ILE D 70 1.07 -28.79 -19.13
C ILE D 70 2.08 -29.73 -18.50
N SER D 71 1.98 -29.88 -17.18
CA SER D 71 2.82 -30.82 -16.46
C SER D 71 2.20 -31.08 -15.10
N ARG D 72 2.72 -32.10 -14.42
CA ARG D 72 2.17 -32.47 -13.12
C ARG D 72 3.29 -33.00 -12.25
N ASP D 73 3.06 -32.96 -10.94
CA ASP D 73 3.95 -33.55 -9.95
C ASP D 73 3.11 -34.46 -9.05
N ASN D 74 3.09 -35.76 -9.36
CA ASN D 74 2.24 -36.68 -8.61
C ASN D 74 2.59 -36.71 -7.13
N ALA D 75 3.88 -36.59 -6.81
CA ALA D 75 4.30 -36.62 -5.42
C ALA D 75 3.81 -35.41 -4.63
N LYS D 76 3.60 -34.28 -5.31
CA LYS D 76 3.05 -33.09 -4.67
C LYS D 76 1.57 -32.86 -5.00
N ASN D 77 0.92 -33.82 -5.65
CA ASN D 77 -0.52 -33.73 -5.95
C ASN D 77 -0.87 -32.44 -6.66
N SER D 78 -0.03 -32.04 -7.63
CA SER D 78 -0.19 -30.73 -8.25
C SER D 78 -0.11 -30.81 -9.77
N LEU D 79 -0.81 -29.88 -10.42
CA LEU D 79 -0.94 -29.78 -11.85
C LEU D 79 -0.52 -28.38 -12.25
N TYR D 80 0.22 -28.24 -13.34
CA TYR D 80 0.76 -26.95 -13.72
C TYR D 80 0.40 -26.64 -15.16
N LEU D 81 0.45 -25.34 -15.49
CA LEU D 81 0.25 -24.86 -16.85
C LEU D 81 1.17 -23.66 -17.05
N GLN D 82 2.24 -23.86 -17.82
CA GLN D 82 3.15 -22.78 -18.20
C GLN D 82 2.60 -22.14 -19.47
N MET D 83 2.34 -20.85 -19.40
CA MET D 83 1.72 -20.11 -20.50
C MET D 83 2.74 -19.09 -20.99
N ASN D 84 3.07 -19.15 -22.27
CA ASN D 84 4.01 -18.21 -22.87
C ASN D 84 3.35 -17.48 -24.03
N SER D 85 3.96 -16.36 -24.43
CA SER D 85 3.47 -15.57 -25.57
C SER D 85 1.98 -15.30 -25.43
N LEU D 86 1.61 -14.77 -24.27
CA LEU D 86 0.19 -14.60 -23.96
C LEU D 86 -0.42 -13.49 -24.81
N ARG D 87 -1.66 -13.71 -25.25
CA ARG D 87 -2.42 -12.78 -26.08
C ARG D 87 -3.68 -12.35 -25.34
N ALA D 88 -4.32 -11.31 -25.87
CA ALA D 88 -5.58 -10.85 -25.29
C ALA D 88 -6.62 -11.96 -25.34
N GLU D 89 -6.60 -12.76 -26.40
CA GLU D 89 -7.49 -13.91 -26.50
C GLU D 89 -7.37 -14.85 -25.31
N ASP D 90 -6.22 -14.86 -24.63
CA ASP D 90 -5.96 -15.80 -23.55
C ASP D 90 -6.54 -15.35 -22.21
N SER D 91 -7.00 -14.11 -22.09
CA SER D 91 -7.65 -13.67 -20.85
C SER D 91 -8.87 -14.54 -20.58
N ALA D 92 -8.91 -15.15 -19.40
CA ALA D 92 -10.01 -16.03 -19.05
C ALA D 92 -9.83 -16.50 -17.61
N VAL D 93 -10.89 -17.06 -17.07
CA VAL D 93 -10.78 -17.90 -15.89
C VAL D 93 -10.28 -19.27 -16.35
N TYR D 94 -9.21 -19.75 -15.70
CA TYR D 94 -8.64 -21.06 -16.02
C TYR D 94 -9.03 -22.05 -14.93
N TYR D 95 -9.65 -23.15 -15.33
CA TYR D 95 -10.17 -24.16 -14.42
C TYR D 95 -9.32 -25.43 -14.47
N CYS D 96 -9.11 -26.03 -13.30
CA CYS D 96 -8.55 -27.36 -13.14
C CYS D 96 -9.70 -28.36 -13.09
N ALA D 97 -9.62 -29.41 -13.90
CA ALA D 97 -10.71 -30.37 -13.95
C ALA D 97 -10.23 -31.81 -14.05
N ARG D 98 -10.87 -32.68 -13.28
CA ARG D 98 -10.50 -34.08 -13.25
C ARG D 98 -11.32 -34.84 -14.28
N ARG D 99 -10.65 -35.66 -15.08
CA ARG D 99 -11.33 -36.50 -16.06
C ARG D 99 -11.65 -37.85 -15.44
N ALA D 100 -12.82 -38.38 -15.81
CA ALA D 100 -13.29 -39.70 -15.39
C ALA D 100 -13.87 -40.40 -16.62
N GLY D 101 -14.22 -41.66 -16.46
CA GLY D 101 -14.68 -42.46 -17.58
C GLY D 101 -13.55 -43.16 -18.31
N GLY D 102 -13.95 -43.98 -19.27
CA GLY D 102 -12.97 -44.73 -20.04
C GLY D 102 -13.40 -44.89 -21.47
N PHE D 103 -12.42 -45.15 -22.33
CA PHE D 103 -12.63 -45.60 -23.69
C PHE D 103 -13.60 -44.68 -24.44
N ASP D 104 -13.26 -43.39 -24.44
CA ASP D 104 -13.90 -42.32 -25.20
C ASP D 104 -15.17 -41.83 -24.52
N ALA D 105 -15.67 -42.50 -23.48
CA ALA D 105 -16.85 -42.03 -22.75
C ALA D 105 -16.44 -41.19 -21.54
N TYR D 106 -15.75 -40.10 -21.83
CA TYR D 106 -15.09 -39.31 -20.79
C TYR D 106 -15.99 -38.18 -20.31
N TYR D 107 -15.66 -37.65 -19.13
CA TYR D 107 -16.35 -36.49 -18.58
C TYR D 107 -15.48 -35.88 -17.49
N PHE D 108 -15.75 -34.61 -17.17
CA PHE D 108 -15.09 -33.90 -16.08
C PHE D 108 -16.03 -33.90 -14.88
N ASP D 109 -15.74 -34.73 -13.87
CA ASP D 109 -16.64 -34.83 -12.73
C ASP D 109 -16.33 -33.83 -11.61
N TYR D 110 -15.11 -33.30 -11.55
CA TYR D 110 -14.75 -32.29 -10.55
C TYR D 110 -14.05 -31.10 -11.20
N TRP D 111 -14.39 -29.91 -10.74
CA TRP D 111 -13.81 -28.68 -11.25
C TRP D 111 -13.30 -27.85 -10.08
N GLY D 112 -12.26 -27.08 -10.33
CA GLY D 112 -11.87 -26.05 -9.38
C GLY D 112 -12.75 -24.81 -9.49
N GLN D 113 -12.46 -23.83 -8.65
CA GLN D 113 -13.17 -22.56 -8.72
C GLN D 113 -12.58 -21.61 -9.76
N GLY D 114 -11.38 -21.90 -10.26
CA GLY D 114 -10.78 -21.12 -11.32
C GLY D 114 -9.87 -20.02 -10.81
N THR D 115 -8.97 -19.59 -11.68
CA THR D 115 -8.09 -18.45 -11.42
C THR D 115 -8.12 -17.55 -12.64
N LEU D 116 -8.26 -16.24 -12.41
CA LEU D 116 -8.45 -15.31 -13.50
C LEU D 116 -7.13 -14.80 -14.03
N VAL D 117 -6.94 -14.91 -15.35
CA VAL D 117 -5.75 -14.41 -16.02
C VAL D 117 -6.17 -13.22 -16.87
N THR D 118 -5.56 -12.06 -16.65
CA THR D 118 -5.83 -10.86 -17.42
C THR D 118 -4.58 -10.51 -18.21
N VAL D 119 -4.70 -10.48 -19.53
CA VAL D 119 -3.62 -10.08 -20.40
C VAL D 119 -3.88 -8.62 -20.78
N SER D 120 -3.01 -7.72 -20.34
CA SER D 120 -3.24 -6.30 -20.55
C SER D 120 -1.94 -5.52 -20.41
N SER D 121 -1.84 -4.46 -21.19
CA SER D 121 -0.74 -3.52 -21.05
C SER D 121 -0.93 -2.55 -19.89
N ALA D 122 -2.14 -2.45 -19.33
CA ALA D 122 -2.36 -1.58 -18.19
C ALA D 122 -1.61 -2.11 -16.98
N SER D 123 -1.38 -1.22 -16.02
CA SER D 123 -0.51 -1.53 -14.90
C SER D 123 -1.32 -2.04 -13.70
N THR D 124 -0.68 -2.88 -12.90
CA THR D 124 -1.28 -3.34 -11.66
C THR D 124 -1.53 -2.16 -10.71
N LYS D 125 -2.59 -2.26 -9.93
CA LYS D 125 -2.87 -1.26 -8.92
C LYS D 125 -3.69 -1.88 -7.80
N GLY D 126 -3.16 -1.87 -6.58
CA GLY D 126 -3.86 -2.40 -5.44
C GLY D 126 -4.92 -1.43 -4.97
N PRO D 127 -5.83 -1.92 -4.14
CA PRO D 127 -7.00 -1.13 -3.76
C PRO D 127 -6.76 -0.22 -2.56
N SER D 128 -7.55 0.85 -2.52
CA SER D 128 -7.76 1.65 -1.32
C SER D 128 -9.06 1.19 -0.69
N VAL D 129 -9.00 0.73 0.56
CA VAL D 129 -10.15 0.19 1.27
C VAL D 129 -10.62 1.20 2.31
N PHE D 130 -11.91 1.49 2.29
CA PHE D 130 -12.52 2.41 3.23
C PHE D 130 -13.75 1.77 3.87
N PRO D 131 -14.00 2.04 5.14
CA PRO D 131 -15.16 1.42 5.80
C PRO D 131 -16.45 2.11 5.40
N LEU D 132 -17.51 1.31 5.28
CA LEU D 132 -18.88 1.80 5.10
C LEU D 132 -19.54 1.64 6.46
N ALA D 133 -19.50 2.70 7.26
CA ALA D 133 -19.87 2.59 8.67
C ALA D 133 -21.36 2.31 8.82
N PRO D 134 -21.75 1.47 9.76
CA PRO D 134 -23.18 1.37 10.10
C PRO D 134 -23.61 2.62 10.85
N SER D 135 -24.88 2.96 10.70
CA SER D 135 -25.45 4.14 11.34
C SER D 135 -26.95 3.93 11.48
N SER D 136 -27.59 4.84 12.22
CA SER D 136 -29.06 4.82 12.29
C SER D 136 -29.66 4.77 10.91
N LYS D 137 -29.03 5.43 9.93
CA LYS D 137 -29.54 5.46 8.55
C LYS D 137 -29.28 4.15 7.81
N SER D 138 -28.42 3.28 8.33
CA SER D 138 -28.15 1.98 7.71
C SER D 138 -28.77 0.83 8.51
N THR D 139 -29.68 1.12 9.44
CA THR D 139 -30.30 0.11 10.28
C THR D 139 -31.73 -0.17 9.84
N SER D 140 -32.14 -1.43 9.95
CA SER D 140 -33.48 -1.89 9.61
C SER D 140 -34.03 -2.63 10.83
N GLY D 141 -34.41 -1.87 11.85
CA GLY D 141 -34.85 -2.44 13.11
C GLY D 141 -33.84 -3.35 13.79
N GLY D 142 -34.11 -4.65 13.78
CA GLY D 142 -33.25 -5.59 14.48
C GLY D 142 -31.92 -5.84 13.81
N THR D 143 -31.69 -5.29 12.62
CA THR D 143 -30.47 -5.54 11.89
C THR D 143 -29.96 -4.24 11.29
N ALA D 144 -28.65 -4.21 11.03
CA ALA D 144 -28.03 -3.05 10.40
C ALA D 144 -27.06 -3.54 9.34
N ALA D 145 -26.75 -2.65 8.40
CA ALA D 145 -25.84 -2.95 7.30
C ALA D 145 -24.55 -2.16 7.48
N LEU D 146 -23.42 -2.84 7.35
CA LEU D 146 -22.11 -2.22 7.36
C LEU D 146 -21.31 -2.85 6.24
N GLY D 147 -20.25 -2.17 5.82
CA GLY D 147 -19.52 -2.66 4.68
C GLY D 147 -18.11 -2.13 4.54
N CYS D 148 -17.54 -2.42 3.38
CA CYS D 148 -16.20 -1.97 2.98
C CYS D 148 -16.25 -1.61 1.50
N LEU D 149 -15.69 -0.46 1.17
CA LEU D 149 -15.53 0.01 -0.20
C LEU D 149 -14.10 -0.30 -0.62
N VAL D 150 -13.95 -0.95 -1.76
CA VAL D 150 -12.66 -1.36 -2.30
C VAL D 150 -12.48 -0.57 -3.59
N LYS D 151 -11.67 0.47 -3.54
CA LYS D 151 -11.62 1.45 -4.62
C LYS D 151 -10.37 1.30 -5.48
N ASP D 152 -10.56 1.47 -6.78
CA ASP D 152 -9.47 1.76 -7.74
C ASP D 152 -8.40 0.68 -7.69
N TYR D 153 -8.76 -0.50 -8.18
CA TYR D 153 -7.79 -1.57 -8.32
C TYR D 153 -7.83 -2.11 -9.74
N PHE D 154 -6.78 -2.86 -10.09
CA PHE D 154 -6.64 -3.49 -11.39
C PHE D 154 -5.54 -4.54 -11.31
N PRO D 155 -5.72 -5.71 -11.91
CA PRO D 155 -6.94 -6.21 -12.57
C PRO D 155 -7.91 -6.80 -11.56
N GLU D 156 -9.02 -7.37 -12.03
CA GLU D 156 -9.82 -8.24 -11.18
C GLU D 156 -9.01 -9.52 -10.89
N PRO D 157 -9.35 -10.27 -9.84
CA PRO D 157 -10.46 -10.04 -8.91
C PRO D 157 -10.01 -9.62 -7.53
N VAL D 158 -10.99 -9.20 -6.74
CA VAL D 158 -10.82 -8.99 -5.32
C VAL D 158 -11.78 -9.94 -4.62
N THR D 159 -11.35 -10.50 -3.49
CA THR D 159 -12.23 -11.26 -2.61
C THR D 159 -12.29 -10.56 -1.26
N VAL D 160 -13.44 -10.70 -0.62
CA VAL D 160 -13.70 -10.07 0.65
C VAL D 160 -14.32 -11.12 1.57
N SER D 161 -13.69 -11.34 2.71
CA SER D 161 -14.28 -12.10 3.80
C SER D 161 -14.46 -11.15 4.98
N TRP D 162 -15.18 -11.62 6.00
CA TRP D 162 -15.47 -10.84 7.19
C TRP D 162 -15.04 -11.63 8.41
N ASN D 163 -14.33 -10.96 9.31
CA ASN D 163 -13.84 -11.57 10.54
C ASN D 163 -13.13 -12.88 10.24
N SER D 164 -12.22 -12.82 9.26
CA SER D 164 -11.41 -13.97 8.85
C SER D 164 -12.26 -15.19 8.54
N GLY D 165 -13.46 -14.97 8.00
CA GLY D 165 -14.32 -16.07 7.63
C GLY D 165 -15.29 -16.51 8.70
N ALA D 166 -15.11 -16.08 9.95
CA ALA D 166 -16.05 -16.43 11.01
C ALA D 166 -17.43 -15.85 10.74
N LEU D 167 -17.51 -14.73 10.04
CA LEU D 167 -18.78 -14.10 9.70
C LEU D 167 -19.07 -14.42 8.25
N THR D 168 -20.00 -15.34 8.03
CA THR D 168 -20.44 -15.73 6.69
C THR D 168 -21.88 -15.38 6.40
N SER D 169 -22.74 -15.38 7.42
CA SER D 169 -24.14 -15.09 7.23
C SER D 169 -24.33 -13.59 7.04
N GLY D 170 -25.18 -13.24 6.08
CA GLY D 170 -25.50 -11.87 5.78
C GLY D 170 -24.48 -11.14 4.93
N VAL D 171 -23.54 -11.84 4.33
CA VAL D 171 -22.51 -11.20 3.53
C VAL D 171 -22.98 -11.12 2.10
N HIS D 172 -22.73 -9.97 1.46
CA HIS D 172 -23.06 -9.79 0.05
C HIS D 172 -21.96 -8.93 -0.56
N THR D 173 -21.07 -9.55 -1.33
CA THR D 173 -20.04 -8.81 -2.03
C THR D 173 -20.54 -8.53 -3.45
N PHE D 174 -20.64 -7.25 -3.80
CA PHE D 174 -21.27 -6.83 -5.05
C PHE D 174 -20.29 -6.98 -6.21
N PRO D 175 -20.79 -7.25 -7.42
CA PRO D 175 -19.93 -7.23 -8.59
C PRO D 175 -19.30 -5.86 -8.77
N ALA D 176 -18.07 -5.85 -9.31
CA ALA D 176 -17.31 -4.62 -9.40
C ALA D 176 -17.81 -3.78 -10.55
N VAL D 177 -17.69 -2.47 -10.39
CA VAL D 177 -17.93 -1.50 -11.44
C VAL D 177 -16.60 -1.20 -12.12
N LEU D 178 -16.63 -1.11 -13.45
CA LEU D 178 -15.46 -0.74 -14.23
C LEU D 178 -15.60 0.74 -14.52
N GLN D 179 -14.79 1.55 -13.85
CA GLN D 179 -14.85 3.00 -14.03
C GLN D 179 -14.32 3.41 -15.40
N SER D 180 -14.65 4.64 -15.79
CA SER D 180 -14.14 5.17 -17.06
C SER D 180 -12.63 5.35 -17.02
N SER D 181 -12.04 5.38 -15.83
CA SER D 181 -10.59 5.36 -15.71
C SER D 181 -9.97 4.02 -16.07
N GLY D 182 -10.78 2.99 -16.29
CA GLY D 182 -10.27 1.64 -16.50
C GLY D 182 -9.93 0.89 -15.24
N LEU D 183 -10.16 1.47 -14.08
CA LEU D 183 -9.97 0.79 -12.81
C LEU D 183 -11.29 0.26 -12.28
N TYR D 184 -11.19 -0.65 -11.32
CA TYR D 184 -12.35 -1.32 -10.76
C TYR D 184 -12.60 -0.85 -9.34
N SER D 185 -13.86 -0.86 -8.94
CA SER D 185 -14.25 -0.68 -7.55
C SER D 185 -15.38 -1.64 -7.25
N LEU D 186 -15.43 -2.10 -6.01
CA LEU D 186 -16.55 -2.89 -5.56
C LEU D 186 -16.83 -2.63 -4.09
N SER D 187 -17.99 -3.09 -3.64
CA SER D 187 -18.36 -2.98 -2.24
C SER D 187 -18.77 -4.34 -1.72
N SER D 188 -18.47 -4.59 -0.45
CA SER D 188 -18.99 -5.74 0.30
C SER D 188 -19.73 -5.25 1.54
N VAL D 189 -20.97 -5.68 1.68
CA VAL D 189 -21.80 -5.27 2.80
C VAL D 189 -22.22 -6.52 3.55
N VAL D 190 -22.35 -6.37 4.87
CA VAL D 190 -22.82 -7.43 5.74
C VAL D 190 -23.94 -6.89 6.61
N THR D 191 -24.95 -7.72 6.87
CA THR D 191 -26.06 -7.39 7.75
C THR D 191 -25.88 -8.11 9.06
N VAL D 192 -25.88 -7.36 10.15
CA VAL D 192 -25.56 -7.88 11.47
C VAL D 192 -26.64 -7.43 12.45
N PRO D 193 -26.64 -7.92 13.68
CA PRO D 193 -27.65 -7.46 14.64
C PRO D 193 -27.39 -6.03 15.06
N SER D 194 -28.43 -5.21 15.02
CA SER D 194 -28.31 -3.83 15.48
C SER D 194 -27.67 -3.75 16.86
N SER D 195 -27.98 -4.72 17.73
CA SER D 195 -27.53 -4.69 19.11
C SER D 195 -26.04 -4.97 19.25
N SER D 196 -25.37 -5.35 18.16
CA SER D 196 -23.97 -5.72 18.23
C SER D 196 -23.02 -4.64 17.74
N LEU D 197 -23.54 -3.48 17.29
CA LEU D 197 -22.68 -2.50 16.66
C LEU D 197 -21.67 -1.90 17.63
N GLY D 198 -21.98 -1.88 18.91
CA GLY D 198 -21.06 -1.28 19.87
C GLY D 198 -20.30 -2.31 20.66
N THR D 199 -20.64 -3.57 20.48
CA THR D 199 -20.11 -4.63 21.32
C THR D 199 -19.24 -5.63 20.57
N GLN D 200 -19.39 -5.75 19.25
CA GLN D 200 -18.67 -6.74 18.47
C GLN D 200 -17.79 -6.05 17.43
N THR D 201 -16.58 -6.57 17.23
CA THR D 201 -15.66 -6.00 16.26
C THR D 201 -15.92 -6.60 14.89
N TYR D 202 -15.93 -5.75 13.87
CA TYR D 202 -16.16 -6.19 12.50
C TYR D 202 -15.00 -5.74 11.65
N ILE D 203 -14.41 -6.68 10.92
CA ILE D 203 -13.22 -6.45 10.12
C ILE D 203 -13.43 -7.11 8.77
N CYS D 204 -13.26 -6.35 7.69
CA CYS D 204 -13.35 -6.90 6.36
C CYS D 204 -11.95 -7.23 5.89
N ASN D 205 -11.75 -8.46 5.44
CA ASN D 205 -10.47 -8.94 4.95
C ASN D 205 -10.49 -8.90 3.43
N VAL D 206 -9.79 -7.92 2.85
CA VAL D 206 -9.75 -7.73 1.41
C VAL D 206 -8.47 -8.33 0.88
N ASN D 207 -8.56 -9.13 -0.17
CA ASN D 207 -7.40 -9.76 -0.79
C ASN D 207 -7.40 -9.42 -2.28
N HIS D 208 -6.35 -8.75 -2.74
CA HIS D 208 -6.14 -8.48 -4.17
C HIS D 208 -4.86 -9.23 -4.58
N LYS D 209 -5.01 -10.54 -4.81
CA LYS D 209 -3.85 -11.35 -5.19
C LYS D 209 -3.09 -10.76 -6.37
N PRO D 210 -3.73 -10.28 -7.44
CA PRO D 210 -2.95 -9.80 -8.60
C PRO D 210 -1.91 -8.75 -8.25
N SER D 211 -2.09 -8.05 -7.12
CA SER D 211 -1.12 -7.04 -6.69
C SER D 211 -0.40 -7.42 -5.39
N ASN D 212 -0.58 -8.65 -4.92
CA ASN D 212 0.05 -9.13 -3.71
C ASN D 212 -0.25 -8.23 -2.52
N THR D 213 -1.52 -7.81 -2.41
CA THR D 213 -1.95 -6.88 -1.37
C THR D 213 -3.11 -7.49 -0.61
N LYS D 214 -3.07 -7.43 0.72
CA LYS D 214 -4.22 -7.70 1.56
C LYS D 214 -4.44 -6.57 2.55
N VAL D 215 -5.71 -6.30 2.85
CA VAL D 215 -6.12 -5.22 3.72
C VAL D 215 -7.14 -5.78 4.71
N ASP D 216 -6.92 -5.56 6.00
CA ASP D 216 -7.87 -5.91 7.05
C ASP D 216 -8.35 -4.61 7.68
N LYS D 217 -9.56 -4.18 7.33
CA LYS D 217 -10.07 -2.86 7.71
C LYS D 217 -11.16 -3.02 8.76
N LYS D 218 -10.93 -2.42 9.93
CA LYS D 218 -11.93 -2.37 10.98
C LYS D 218 -13.02 -1.37 10.60
N VAL D 219 -14.27 -1.76 10.83
CA VAL D 219 -15.44 -0.98 10.43
C VAL D 219 -16.20 -0.65 11.70
N GLU D 220 -16.29 0.66 12.00
CA GLU D 220 -16.89 1.14 13.24
C GLU D 220 -18.05 2.09 12.96
N PRO D 221 -19.01 2.18 13.88
CA PRO D 221 -20.00 3.26 13.78
C PRO D 221 -19.41 4.55 14.34
N LYS D 222 -19.37 5.59 13.52
CA LYS D 222 -18.81 6.88 13.95
C LYS D 222 -19.89 7.73 14.62
N GLU E 1 14.44 55.94 36.79
CA GLU E 1 15.67 55.83 36.02
C GLU E 1 15.40 55.12 34.70
N PRO E 2 15.98 55.62 33.59
CA PRO E 2 15.91 54.87 32.33
C PRO E 2 16.72 53.59 32.43
N SER E 3 16.04 52.44 32.42
CA SER E 3 16.69 51.16 32.66
C SER E 3 17.71 50.84 31.58
N ASP E 4 18.74 50.08 31.96
CA ASP E 4 19.66 49.54 30.96
C ASP E 4 18.92 48.79 29.86
N LYS E 5 17.92 48.00 30.25
CA LYS E 5 17.14 47.28 29.25
C LYS E 5 16.50 48.24 28.26
N HIS E 6 15.91 49.33 28.77
CA HIS E 6 15.28 50.29 27.88
C HIS E 6 16.32 51.00 27.02
N ILE E 7 17.51 51.22 27.56
CA ILE E 7 18.56 51.83 26.76
C ILE E 7 19.01 50.87 25.67
N LYS E 8 19.18 49.59 26.03
CA LYS E 8 19.56 48.60 25.02
C LYS E 8 18.50 48.48 23.94
N GLU E 9 17.22 48.50 24.33
CA GLU E 9 16.16 48.47 23.33
C GLU E 9 16.29 49.63 22.36
N TYR E 10 16.57 50.82 22.87
CA TYR E 10 16.71 51.99 22.01
C TYR E 10 17.92 51.87 21.08
N LEU E 11 19.06 51.41 21.61
CA LEU E 11 20.23 51.23 20.76
C LEU E 11 19.94 50.30 19.59
N ASN E 12 19.18 49.23 19.83
CA ASN E 12 18.80 48.35 18.72
C ASN E 12 17.83 49.04 17.77
N LYS E 13 16.98 49.94 18.28
CA LYS E 13 16.06 50.65 17.41
C LYS E 13 16.82 51.52 16.42
N ILE E 14 17.86 52.20 16.88
CA ILE E 14 18.61 53.13 16.03
C ILE E 14 19.93 52.53 15.61
N GLN E 15 19.98 51.19 15.54
CA GLN E 15 21.23 50.51 15.21
C GLN E 15 21.85 50.99 13.91
N ASN E 16 21.05 51.58 13.01
CA ASN E 16 21.57 52.06 11.74
C ASN E 16 22.07 53.50 11.82
N SER E 17 21.52 54.31 12.72
CA SER E 17 21.90 55.72 12.82
C SER E 17 22.85 56.00 13.98
N LEU E 18 23.13 55.02 14.83
CA LEU E 18 24.02 55.23 15.97
C LEU E 18 25.37 55.71 15.47
N SER E 19 25.90 56.75 16.09
CA SER E 19 27.10 57.41 15.59
C SER E 19 27.86 58.04 16.75
N THR E 20 28.89 58.82 16.41
CA THR E 20 29.71 59.54 17.38
C THR E 20 28.99 60.74 17.95
N GLU E 21 27.86 61.14 17.37
CA GLU E 21 27.09 62.29 17.81
C GLU E 21 25.91 61.85 18.67
N TRP E 22 25.53 62.71 19.60
CA TRP E 22 24.40 62.42 20.49
C TRP E 22 23.14 62.16 19.66
N SER E 23 22.41 61.13 20.05
CA SER E 23 21.17 60.77 19.38
C SER E 23 20.02 61.59 19.95
N PRO E 24 18.85 61.55 19.31
CA PRO E 24 17.65 62.12 19.94
C PRO E 24 17.31 61.39 21.24
N CYS E 25 16.40 61.99 21.99
CA CYS E 25 15.90 61.34 23.20
C CYS E 25 15.15 60.07 22.82
N SER E 26 15.28 59.06 23.68
CA SER E 26 14.64 57.77 23.42
C SER E 26 13.15 57.74 23.75
N VAL E 27 12.59 58.80 24.33
CA VAL E 27 11.20 58.78 24.76
C VAL E 27 10.52 60.08 24.37
N THR E 28 9.19 60.02 24.26
CA THR E 28 8.36 61.19 24.06
C THR E 28 7.85 61.78 25.37
N CYS E 29 7.79 60.97 26.43
CA CYS E 29 7.27 61.42 27.72
C CYS E 29 7.97 60.66 28.82
N GLY E 30 8.58 61.39 29.75
CA GLY E 30 9.31 60.79 30.84
C GLY E 30 10.81 61.02 30.71
N ASN E 31 11.57 60.22 31.46
CA ASN E 31 13.02 60.31 31.46
C ASN E 31 13.58 59.28 30.50
N GLY E 32 14.11 59.75 29.37
CA GLY E 32 14.71 58.91 28.37
C GLY E 32 16.22 58.99 28.42
N ILE E 33 16.83 58.62 27.30
CA ILE E 33 18.28 58.57 27.19
C ILE E 33 18.69 59.13 25.84
N GLN E 34 19.89 59.68 25.81
CA GLN E 34 20.61 60.01 24.59
C GLN E 34 21.91 59.23 24.62
N VAL E 35 22.27 58.63 23.49
CA VAL E 35 23.46 57.79 23.42
C VAL E 35 24.32 58.21 22.24
N ARG E 36 25.62 57.96 22.38
CA ARG E 36 26.56 58.08 21.27
C ARG E 36 27.68 57.08 21.49
N ILE E 37 28.39 56.74 20.41
CA ILE E 37 29.61 55.96 20.53
C ILE E 37 30.72 56.84 21.12
N LYS E 38 31.41 56.32 22.12
CA LYS E 38 32.50 57.09 22.73
C LYS E 38 33.56 57.41 21.68
N PRO E 39 34.20 58.59 21.76
CA PRO E 39 35.27 58.91 20.79
C PRO E 39 36.32 57.84 20.69
N GLY E 40 36.76 57.28 21.82
CA GLY E 40 37.76 56.23 21.80
C GLY E 40 37.30 54.92 21.20
N SER E 41 36.00 54.79 20.89
CA SER E 41 35.44 53.57 20.35
C SER E 41 34.99 53.73 18.90
N ALA E 42 35.22 54.89 18.30
CA ALA E 42 34.65 55.18 16.99
C ALA E 42 35.18 54.25 15.89
N ASN E 43 36.32 53.60 16.10
CA ASN E 43 36.91 52.76 15.07
C ASN E 43 36.65 51.29 15.28
N LYS E 44 35.88 50.91 16.28
CA LYS E 44 35.54 49.52 16.48
C LYS E 44 34.48 49.07 15.47
N PRO E 45 34.59 47.87 14.92
CA PRO E 45 33.51 47.38 14.04
C PRO E 45 32.19 47.32 14.79
N LYS E 46 31.08 47.42 14.05
CA LYS E 46 29.77 47.51 14.67
C LYS E 46 29.49 46.33 15.58
N ASP E 47 29.83 45.11 15.15
CA ASP E 47 29.47 43.95 15.95
C ASP E 47 30.26 43.83 17.24
N GLU E 48 31.35 44.58 17.38
CA GLU E 48 32.19 44.53 18.57
C GLU E 48 31.91 45.66 19.56
N LEU E 49 30.97 46.55 19.27
CA LEU E 49 30.64 47.60 20.23
C LEU E 49 29.99 47.02 21.48
N ASP E 50 30.56 47.36 22.63
CA ASP E 50 30.10 46.87 23.93
C ASP E 50 29.23 47.93 24.61
N TYR E 51 28.16 47.46 25.26
CA TYR E 51 27.24 48.40 25.91
C TYR E 51 27.94 49.19 27.01
N ALA E 52 28.69 48.50 27.87
CA ALA E 52 29.27 49.16 29.04
C ALA E 52 30.46 50.03 28.66
N ASN E 53 31.29 49.58 27.73
CA ASN E 53 32.57 50.24 27.48
C ASN E 53 32.51 51.25 26.34
N ASP E 54 31.63 51.06 25.35
CA ASP E 54 31.72 51.84 24.12
C ASP E 54 30.61 52.86 23.95
N ILE E 55 29.57 52.83 24.78
CA ILE E 55 28.42 53.71 24.61
C ILE E 55 28.43 54.72 25.75
N GLU E 56 28.37 55.99 25.39
CA GLU E 56 28.13 57.07 26.35
C GLU E 56 26.64 57.36 26.41
N LYS E 57 26.16 57.68 27.61
CA LYS E 57 24.73 57.88 27.85
C LYS E 57 24.51 59.16 28.64
N LYS E 58 23.31 59.72 28.50
CA LYS E 58 22.95 60.98 29.13
C LYS E 58 21.42 61.03 29.22
N ILE E 59 20.93 61.39 30.41
CA ILE E 59 19.48 61.43 30.63
C ILE E 59 18.88 62.63 29.91
N CYS E 60 17.69 62.44 29.35
CA CYS E 60 16.93 63.49 28.68
C CYS E 60 15.49 63.38 29.11
N LYS E 61 14.88 64.52 29.44
CA LYS E 61 13.49 64.56 29.87
C LYS E 61 12.63 65.12 28.75
N MET E 62 11.53 64.44 28.45
CA MET E 62 10.52 64.92 27.52
C MET E 62 9.16 64.94 28.21
N GLU E 63 8.27 65.80 27.71
CA GLU E 63 7.00 66.04 28.39
C GLU E 63 5.86 66.11 27.39
N LYS E 64 5.88 65.26 26.36
CA LYS E 64 4.72 65.06 25.50
C LYS E 64 3.81 64.02 26.15
N CYS E 65 3.16 64.45 27.24
CA CYS E 65 2.45 63.55 28.14
C CYS E 65 0.96 63.82 28.22
N SER E 66 0.38 64.46 27.21
CA SER E 66 -1.02 64.86 27.30
C SER E 66 -1.94 63.67 27.07
N GLU F 1 -22.88 -57.50 -35.94
CA GLU F 1 -22.26 -57.69 -34.63
C GLU F 1 -22.10 -56.32 -33.94
N PRO F 2 -21.85 -56.36 -32.63
CA PRO F 2 -22.08 -55.16 -31.80
C PRO F 2 -21.24 -53.95 -32.21
N SER F 3 -21.84 -52.77 -32.01
CA SER F 3 -21.18 -51.50 -32.29
C SER F 3 -19.99 -51.28 -31.37
N ASP F 4 -19.02 -50.50 -31.85
CA ASP F 4 -17.98 -50.01 -30.95
C ASP F 4 -18.59 -49.22 -29.80
N LYS F 5 -19.64 -48.44 -30.09
CA LYS F 5 -20.31 -47.67 -29.06
C LYS F 5 -20.86 -48.59 -27.98
N HIS F 6 -21.56 -49.66 -28.37
CA HIS F 6 -22.12 -50.57 -27.37
C HIS F 6 -21.01 -51.25 -26.57
N ILE F 7 -19.88 -51.53 -27.20
CA ILE F 7 -18.78 -52.17 -26.48
C ILE F 7 -18.16 -51.19 -25.47
N LYS F 8 -17.95 -49.96 -25.89
CA LYS F 8 -17.46 -48.95 -24.95
C LYS F 8 -18.43 -48.78 -23.78
N GLU F 9 -19.73 -48.81 -24.05
CA GLU F 9 -20.71 -48.76 -22.96
C GLU F 9 -20.47 -49.86 -21.94
N TYR F 10 -20.30 -51.12 -22.41
CA TYR F 10 -20.04 -52.21 -21.49
C TYR F 10 -18.73 -52.03 -20.74
N LEU F 11 -17.67 -51.64 -21.46
CA LEU F 11 -16.36 -51.43 -20.83
C LEU F 11 -16.44 -50.44 -19.67
N ASN F 12 -17.29 -49.43 -19.80
CA ASN F 12 -17.43 -48.42 -18.75
C ASN F 12 -18.24 -49.01 -17.59
N LYS F 13 -19.18 -49.88 -17.82
CA LYS F 13 -19.98 -50.44 -16.71
C LYS F 13 -19.18 -51.44 -15.89
N ILE F 14 -18.20 -52.10 -16.48
CA ILE F 14 -17.39 -53.11 -15.75
C ILE F 14 -16.07 -52.44 -15.39
N GLN F 15 -16.08 -51.13 -15.15
CA GLN F 15 -14.85 -50.39 -14.92
C GLN F 15 -13.95 -51.08 -13.91
N ASN F 16 -14.50 -51.43 -12.75
CA ASN F 16 -13.67 -51.97 -11.68
C ASN F 16 -13.20 -53.39 -11.97
N SER F 17 -13.85 -54.11 -12.87
CA SER F 17 -13.56 -55.53 -13.07
C SER F 17 -12.76 -55.82 -14.33
N LEU F 18 -12.56 -54.86 -15.22
CA LEU F 18 -11.80 -55.14 -16.44
C LEU F 18 -10.40 -55.62 -16.09
N SER F 19 -10.01 -56.74 -16.68
CA SER F 19 -8.71 -57.33 -16.40
C SER F 19 -8.18 -57.98 -17.68
N THR F 20 -7.06 -58.68 -17.55
CA THR F 20 -6.50 -59.47 -18.65
C THR F 20 -7.27 -60.75 -18.91
N GLU F 21 -8.17 -61.14 -17.99
CA GLU F 21 -9.06 -62.28 -18.20
C GLU F 21 -10.31 -61.83 -18.96
N TRP F 22 -10.77 -62.69 -19.88
CA TRP F 22 -12.02 -62.42 -20.59
C TRP F 22 -13.13 -62.12 -19.59
N SER F 23 -13.80 -60.99 -19.80
CA SER F 23 -14.92 -60.62 -18.97
C SER F 23 -16.08 -61.60 -19.15
N PRO F 24 -17.06 -61.58 -18.25
CA PRO F 24 -18.33 -62.29 -18.53
C PRO F 24 -18.98 -61.74 -19.79
N CYS F 25 -19.77 -62.58 -20.45
CA CYS F 25 -20.58 -62.14 -21.57
C CYS F 25 -21.44 -60.97 -21.12
N SER F 26 -21.59 -59.96 -21.99
CA SER F 26 -22.31 -58.76 -21.59
C SER F 26 -23.82 -58.98 -21.43
N VAL F 27 -24.33 -60.14 -21.81
CA VAL F 27 -25.75 -60.42 -21.73
C VAL F 27 -25.96 -61.78 -21.07
N THR F 28 -27.17 -61.98 -20.54
CA THR F 28 -27.59 -63.28 -20.01
C THR F 28 -28.24 -64.15 -21.08
N CYS F 29 -28.85 -63.54 -22.08
CA CYS F 29 -29.50 -64.25 -23.18
C CYS F 29 -29.21 -63.49 -24.47
N GLY F 30 -29.30 -64.21 -25.58
CA GLY F 30 -29.01 -63.59 -26.85
C GLY F 30 -27.52 -63.37 -26.98
N ASN F 31 -27.17 -62.45 -27.87
CA ASN F 31 -25.78 -62.17 -28.23
C ASN F 31 -25.23 -60.94 -27.48
N GLY F 32 -23.95 -60.99 -27.15
CA GLY F 32 -23.30 -59.92 -26.42
C GLY F 32 -21.83 -59.83 -26.80
N ILE F 33 -21.01 -59.41 -25.84
CA ILE F 33 -19.58 -59.23 -26.07
C ILE F 33 -18.83 -59.64 -24.82
N GLN F 34 -17.58 -60.01 -25.01
CA GLN F 34 -16.62 -60.22 -23.94
C GLN F 34 -15.39 -59.42 -24.31
N VAL F 35 -14.73 -58.86 -23.31
CA VAL F 35 -13.58 -57.99 -23.52
C VAL F 35 -12.49 -58.35 -22.52
N ARG F 36 -11.25 -58.07 -22.91
CA ARG F 36 -10.14 -58.17 -21.97
C ARG F 36 -9.06 -57.15 -22.34
N ILE F 37 -8.22 -56.84 -21.36
CA ILE F 37 -6.98 -56.11 -21.62
C ILE F 37 -6.00 -57.04 -22.32
N LYS F 38 -5.38 -56.56 -23.40
CA LYS F 38 -4.40 -57.35 -24.12
C LYS F 38 -3.15 -57.58 -23.26
N PRO F 39 -2.52 -58.76 -23.38
CA PRO F 39 -1.39 -59.07 -22.48
C PRO F 39 -0.32 -58.01 -22.47
N GLY F 40 0.05 -57.47 -23.63
CA GLY F 40 1.06 -56.44 -23.69
C GLY F 40 0.69 -55.18 -22.94
N SER F 41 -0.59 -54.99 -22.65
CA SER F 41 -1.06 -53.77 -22.00
C SER F 41 -1.44 -53.98 -20.54
N ALA F 42 -1.04 -55.10 -19.94
CA ALA F 42 -1.49 -55.45 -18.60
C ALA F 42 -1.05 -54.44 -17.55
N ASN F 43 0.10 -53.80 -17.76
CA ASN F 43 0.66 -52.92 -16.74
C ASN F 43 0.42 -51.43 -17.02
N LYS F 44 -0.33 -51.10 -18.06
CA LYS F 44 -0.67 -49.70 -18.31
C LYS F 44 -1.60 -49.17 -17.22
N PRO F 45 -1.41 -47.92 -16.78
CA PRO F 45 -2.43 -47.30 -15.92
C PRO F 45 -3.78 -47.29 -16.61
N LYS F 46 -4.84 -47.46 -15.82
CA LYS F 46 -6.17 -47.64 -16.40
C LYS F 46 -6.62 -46.41 -17.17
N ASP F 47 -6.26 -45.20 -16.73
CA ASP F 47 -6.68 -44.00 -17.43
C ASP F 47 -6.04 -43.89 -18.81
N GLU F 48 -4.99 -44.66 -19.08
CA GLU F 48 -4.29 -44.60 -20.35
C GLU F 48 -4.65 -45.76 -21.27
N LEU F 49 -5.60 -46.60 -20.88
CA LEU F 49 -6.00 -47.72 -21.73
C LEU F 49 -6.79 -47.23 -22.93
N ASP F 50 -6.34 -47.62 -24.12
CA ASP F 50 -6.96 -47.21 -25.38
C ASP F 50 -7.87 -48.32 -25.90
N TYR F 51 -9.05 -47.92 -26.41
CA TYR F 51 -9.99 -48.89 -26.94
C TYR F 51 -9.41 -49.66 -28.11
N ALA F 52 -8.79 -48.97 -29.06
CA ALA F 52 -8.31 -49.65 -30.27
C ALA F 52 -7.08 -50.48 -29.99
N ASN F 53 -6.14 -49.95 -29.20
CA ASN F 53 -4.84 -50.59 -29.08
C ASN F 53 -4.76 -51.60 -27.95
N ASP F 54 -5.49 -51.39 -26.85
CA ASP F 54 -5.23 -52.15 -25.64
C ASP F 54 -6.30 -53.18 -25.29
N ILE F 55 -7.43 -53.20 -26.00
CA ILE F 55 -8.58 -54.01 -25.62
C ILE F 55 -8.86 -55.03 -26.71
N GLU F 56 -9.10 -56.27 -26.28
CA GLU F 56 -9.47 -57.34 -27.18
C GLU F 56 -10.93 -57.68 -26.95
N LYS F 57 -11.65 -58.00 -28.04
CA LYS F 57 -13.09 -58.25 -27.98
C LYS F 57 -13.44 -59.51 -28.75
N LYS F 58 -14.50 -60.19 -28.30
CA LYS F 58 -15.02 -61.32 -29.05
C LYS F 58 -16.50 -61.48 -28.73
N ILE F 59 -17.25 -61.93 -29.73
CA ILE F 59 -18.69 -62.14 -29.58
C ILE F 59 -18.96 -63.31 -28.64
N CYS F 60 -20.02 -63.20 -27.84
CA CYS F 60 -20.56 -64.30 -27.04
C CYS F 60 -22.03 -64.45 -27.38
N LYS F 61 -22.51 -65.70 -27.46
CA LYS F 61 -23.87 -66.00 -27.88
C LYS F 61 -24.48 -66.98 -26.89
N MET F 62 -25.31 -66.48 -25.97
CA MET F 62 -25.97 -67.30 -24.98
C MET F 62 -27.25 -67.87 -25.57
N GLU F 63 -27.96 -68.67 -24.78
CA GLU F 63 -29.26 -69.17 -25.20
C GLU F 63 -30.17 -68.00 -25.55
N LYS F 64 -30.99 -68.18 -26.58
CA LYS F 64 -31.89 -67.11 -27.03
C LYS F 64 -32.85 -66.72 -25.92
N CYS F 65 -33.18 -65.44 -25.88
CA CYS F 65 -34.05 -64.91 -24.84
C CYS F 65 -35.44 -65.53 -24.95
N SER F 66 -35.96 -66.00 -23.82
CA SER F 66 -37.28 -66.64 -23.77
C SER F 66 -38.27 -65.76 -23.02
#